data_8HST
#
_entry.id   8HST
#
_cell.length_a   62.285
_cell.length_b   72.484
_cell.length_c   116.388
_cell.angle_alpha   90.00
_cell.angle_beta   98.78
_cell.angle_gamma   90.00
#
_symmetry.space_group_name_H-M   'P 1 21 1'
#
loop_
_entity.id
_entity.type
_entity.pdbx_description
1 polymer Beta-arrestin-1
2 water water
#
_entity_poly.entity_id   1
_entity_poly.type   'polypeptide(L)'
_entity_poly.pdbx_seq_one_letter_code
;MGSSHHHHHHSSGLVPRGSHMGDKGTRVFKKASPNGKLTVYLGKRDFVDHIDLVDPVDGVVLVDPEYLKERRVYVTLTVA
FRYGREDLDVLGLTFRKDLFVANVQSFPPAPEDKKPLTRLQERLIKKLGEHAYPFTFEIPPNLPSSVTLQPGPEDTGKAL
GVDYEVKAFVAENLEEKIHKRNSVRLVIRKVQYAPERPGPQPTAETTRQFLMSDKPLHLEASLDKEIYYHGEPISVNVHV
TNNTNKTVKKIKISVRQYADIVLFNTAQYKVPVAMEEADDTVAPSSTFSKVYTLTPFLANNREKRGLALDGKLKHEDTNL
ASSTLLREGANREILGIIVSYKVKVKLVVSRGGLLGDLASSDVAVELPFTLMHPKPKEEPPHREVPESETPVDTNLIELD
TNDDDIVFEDFARQ
;
_entity_poly.pdbx_strand_id   A,B
#
# COMPACT_ATOMS: atom_id res chain seq x y z
N LYS A 24 43.02 -15.19 -26.94
CA LYS A 24 43.12 -15.25 -25.48
C LYS A 24 42.10 -16.27 -24.93
N GLY A 25 42.05 -17.44 -25.57
CA GLY A 25 41.09 -18.46 -25.20
C GLY A 25 39.69 -18.24 -25.69
N THR A 26 39.52 -17.65 -26.87
CA THR A 26 38.21 -17.19 -27.33
C THR A 26 37.29 -18.37 -27.58
N ARG A 27 36.26 -18.50 -26.74
CA ARG A 27 35.17 -19.43 -27.00
C ARG A 27 34.12 -18.73 -27.84
N VAL A 28 33.66 -19.43 -28.87
CA VAL A 28 32.58 -18.99 -29.74
C VAL A 28 31.47 -20.02 -29.66
N PHE A 29 30.24 -19.56 -29.49
CA PHE A 29 29.09 -20.46 -29.48
C PHE A 29 28.50 -20.46 -30.89
N LYS A 30 28.10 -21.64 -31.35
CA LYS A 30 27.67 -21.78 -32.73
C LYS A 30 26.51 -22.75 -32.81
N LYS A 31 25.66 -22.56 -33.82
CA LYS A 31 24.56 -23.47 -34.09
C LYS A 31 24.31 -23.46 -35.59
N ALA A 32 23.77 -24.55 -36.10
CA ALA A 32 23.50 -24.70 -37.52
C ALA A 32 22.02 -24.98 -37.75
N SER A 33 21.55 -24.63 -38.95
CA SER A 33 20.19 -24.96 -39.34
C SER A 33 20.02 -26.47 -39.39
N PRO A 34 18.78 -26.98 -39.34
CA PRO A 34 18.60 -28.43 -39.46
C PRO A 34 19.22 -29.00 -40.72
N ASN A 35 19.10 -28.29 -41.84
CA ASN A 35 19.70 -28.76 -43.09
C ASN A 35 21.20 -28.51 -43.14
N GLY A 36 21.82 -28.14 -42.04
CA GLY A 36 23.26 -27.95 -41.96
C GLY A 36 23.89 -26.96 -42.92
N LYS A 37 23.11 -26.11 -43.59
CA LYS A 37 23.63 -25.20 -44.60
C LYS A 37 23.80 -23.75 -44.10
N LEU A 38 23.34 -23.43 -42.88
CA LEU A 38 23.48 -22.10 -42.29
C LEU A 38 24.04 -22.26 -40.89
N THR A 39 24.95 -21.37 -40.51
CA THR A 39 25.50 -21.44 -39.18
C THR A 39 25.71 -20.04 -38.61
N VAL A 40 25.40 -19.89 -37.33
CA VAL A 40 25.49 -18.62 -36.64
C VAL A 40 26.54 -18.78 -35.55
N TYR A 41 27.37 -17.77 -35.40
CA TYR A 41 28.42 -17.74 -34.40
C TYR A 41 28.20 -16.54 -33.50
N LEU A 42 28.27 -16.76 -32.20
CA LEU A 42 28.22 -15.69 -31.24
C LEU A 42 29.37 -15.85 -30.28
N GLY A 43 29.87 -14.72 -29.78
CA GLY A 43 30.82 -14.78 -28.70
C GLY A 43 30.20 -15.05 -27.35
N LYS A 44 28.91 -14.79 -27.18
CA LYS A 44 28.31 -14.99 -25.87
C LYS A 44 26.84 -15.38 -25.99
N ARG A 45 26.33 -16.01 -24.93
CA ARG A 45 24.91 -16.26 -24.74
C ARG A 45 24.21 -15.09 -24.07
N ASP A 46 24.85 -14.48 -23.07
CA ASP A 46 24.27 -13.43 -22.22
C ASP A 46 24.83 -12.06 -22.59
N PHE A 47 23.96 -11.14 -22.97
CA PHE A 47 24.35 -9.79 -23.35
C PHE A 47 23.91 -8.83 -22.26
N VAL A 48 24.89 -8.20 -21.61
CA VAL A 48 24.59 -7.37 -20.45
C VAL A 48 23.92 -6.07 -20.86
N ASP A 49 22.91 -5.68 -20.11
CA ASP A 49 22.32 -4.35 -20.16
C ASP A 49 23.00 -3.47 -19.11
N HIS A 50 23.51 -2.32 -19.54
CA HIS A 50 24.30 -1.45 -18.67
C HIS A 50 23.57 -0.17 -18.35
N ILE A 51 22.24 -0.15 -18.52
CA ILE A 51 21.35 0.98 -18.29
C ILE A 51 21.45 1.97 -19.44
N ASP A 52 22.64 2.49 -19.70
CA ASP A 52 22.74 3.45 -20.79
C ASP A 52 22.86 2.77 -22.14
N LEU A 53 23.44 1.58 -22.19
CA LEU A 53 23.49 0.84 -23.43
C LEU A 53 23.46 -0.66 -23.14
N VAL A 54 23.04 -1.41 -24.15
CA VAL A 54 23.09 -2.87 -24.14
C VAL A 54 24.22 -3.27 -25.06
N ASP A 55 25.17 -4.04 -24.54
CA ASP A 55 26.30 -4.38 -25.40
C ASP A 55 25.79 -5.14 -26.63
N PRO A 56 26.38 -4.92 -27.80
CA PRO A 56 25.71 -5.35 -29.04
C PRO A 56 25.78 -6.85 -29.25
N VAL A 57 24.79 -7.34 -29.99
CA VAL A 57 24.76 -8.72 -30.49
C VAL A 57 25.53 -8.67 -31.81
N ASP A 58 26.80 -9.05 -31.75
CA ASP A 58 27.72 -9.02 -32.89
C ASP A 58 27.98 -10.46 -33.31
N GLY A 59 27.45 -10.85 -34.47
CA GLY A 59 27.58 -12.23 -34.91
C GLY A 59 27.97 -12.36 -36.37
N VAL A 60 28.24 -13.61 -36.75
CA VAL A 60 28.49 -13.95 -38.14
C VAL A 60 27.63 -15.14 -38.53
N VAL A 61 27.17 -15.12 -39.78
CA VAL A 61 26.44 -16.22 -40.38
C VAL A 61 27.29 -16.78 -41.52
N LEU A 62 27.73 -18.04 -41.36
CA LEU A 62 28.30 -18.81 -42.44
C LEU A 62 27.18 -19.39 -43.32
N VAL A 63 27.46 -19.50 -44.61
CA VAL A 63 26.46 -19.99 -45.55
C VAL A 63 27.08 -20.97 -46.54
N ASP A 64 26.30 -21.95 -46.96
CA ASP A 64 26.70 -22.81 -48.06
C ASP A 64 26.38 -22.13 -49.39
N PRO A 65 27.36 -21.84 -50.24
CA PRO A 65 27.05 -21.32 -51.58
C PRO A 65 26.13 -22.25 -52.36
N GLU A 66 25.98 -23.50 -51.91
CA GLU A 66 24.97 -24.40 -52.46
C GLU A 66 23.59 -23.75 -52.53
N TYR A 67 23.33 -22.78 -51.66
CA TYR A 67 22.03 -22.12 -51.60
C TYR A 67 22.05 -20.72 -52.18
N LEU A 68 23.14 -20.33 -52.85
CA LEU A 68 23.20 -19.01 -53.48
C LEU A 68 22.20 -18.90 -54.62
N LYS A 69 21.40 -19.95 -54.81
CA LYS A 69 20.22 -19.84 -55.67
C LYS A 69 19.09 -19.05 -54.99
N GLU A 70 18.73 -19.41 -53.73
CA GLU A 70 17.68 -18.69 -53.00
C GLU A 70 18.15 -17.34 -52.51
N ARG A 71 19.44 -17.18 -52.31
CA ARG A 71 20.15 -15.97 -52.66
C ARG A 71 20.06 -14.83 -51.62
N ARG A 72 19.24 -14.93 -50.58
CA ARG A 72 19.24 -13.93 -49.52
C ARG A 72 19.44 -14.61 -48.19
N VAL A 73 20.26 -14.01 -47.33
CA VAL A 73 20.41 -14.45 -45.95
C VAL A 73 19.99 -13.32 -45.02
N TYR A 74 18.86 -13.49 -44.36
CA TYR A 74 18.35 -12.53 -43.39
C TYR A 74 18.64 -12.99 -41.97
N VAL A 75 18.89 -12.03 -41.08
CA VAL A 75 18.96 -12.33 -39.64
C VAL A 75 17.97 -11.45 -38.90
N THR A 76 17.22 -12.05 -37.97
CA THR A 76 16.17 -11.35 -37.26
C THR A 76 16.36 -11.49 -35.75
N LEU A 77 16.28 -10.37 -35.05
CA LEU A 77 16.18 -10.35 -33.59
C LEU A 77 14.75 -10.02 -33.23
N THR A 78 14.14 -10.89 -32.42
CA THR A 78 12.77 -10.72 -31.97
C THR A 78 12.76 -10.73 -30.45
N VAL A 79 12.07 -9.77 -29.87
CA VAL A 79 11.91 -9.68 -28.42
C VAL A 79 10.42 -9.78 -28.16
N ALA A 80 10.03 -10.80 -27.40
CA ALA A 80 8.60 -11.10 -27.29
C ALA A 80 8.20 -11.40 -25.85
N PHE A 81 7.01 -10.98 -25.48
CA PHE A 81 6.32 -11.52 -24.31
C PHE A 81 5.40 -12.63 -24.79
N ARG A 82 5.51 -13.80 -24.17
CA ARG A 82 4.75 -14.96 -24.63
C ARG A 82 4.07 -15.60 -23.44
N TYR A 83 2.95 -16.27 -23.70
CA TYR A 83 2.40 -17.26 -22.77
C TYR A 83 2.31 -18.60 -23.47
N GLY A 84 2.93 -19.61 -22.92
CA GLY A 84 2.92 -20.92 -23.55
C GLY A 84 4.22 -21.65 -23.27
N ARG A 85 4.49 -22.66 -24.13
CA ARG A 85 5.65 -23.51 -24.03
C ARG A 85 6.80 -22.96 -24.88
N GLU A 86 8.01 -23.36 -24.53
CA GLU A 86 9.22 -23.02 -25.30
C GLU A 86 9.34 -23.81 -26.59
N ASP A 87 8.56 -24.89 -26.76
CA ASP A 87 8.52 -25.62 -28.03
C ASP A 87 7.85 -24.80 -29.14
N LEU A 88 7.05 -23.79 -28.77
CA LEU A 88 6.32 -22.96 -29.72
C LEU A 88 5.38 -23.81 -30.57
N ASP A 89 4.38 -24.37 -29.87
CA ASP A 89 3.38 -25.24 -30.48
C ASP A 89 2.04 -24.56 -30.73
N VAL A 90 1.66 -23.58 -29.91
CA VAL A 90 0.32 -22.97 -29.92
C VAL A 90 -0.75 -24.06 -29.78
N LEU A 91 -0.56 -24.98 -28.82
CA LEU A 91 -1.53 -26.02 -28.52
C LEU A 91 -2.63 -25.48 -27.61
N GLY A 92 -3.35 -24.47 -28.11
CA GLY A 92 -4.47 -23.92 -27.39
C GLY A 92 -4.06 -23.01 -26.25
N LEU A 93 -4.73 -21.87 -26.10
CA LEU A 93 -4.43 -20.93 -25.02
C LEU A 93 -2.96 -20.48 -25.09
N THR A 94 -2.68 -19.67 -26.09
CA THR A 94 -1.33 -19.15 -26.34
C THR A 94 -1.39 -17.65 -26.51
N PHE A 95 -0.29 -16.97 -26.18
CA PHE A 95 -0.23 -15.52 -26.34
C PHE A 95 1.15 -15.10 -26.81
N ARG A 96 1.16 -14.07 -27.64
CA ARG A 96 2.40 -13.52 -28.15
C ARG A 96 2.20 -12.03 -28.42
N LYS A 97 3.18 -11.24 -28.02
CA LYS A 97 3.22 -9.83 -28.36
C LYS A 97 4.68 -9.45 -28.56
N ASP A 98 5.01 -8.94 -29.74
CA ASP A 98 6.38 -8.53 -29.98
C ASP A 98 6.62 -7.21 -29.28
N LEU A 99 7.79 -7.09 -28.66
CA LEU A 99 8.17 -5.86 -27.99
C LEU A 99 9.26 -5.10 -28.74
N PHE A 100 10.04 -5.80 -29.55
CA PHE A 100 11.07 -5.19 -30.40
C PHE A 100 11.43 -6.18 -31.50
N VAL A 101 11.59 -5.67 -32.72
CA VAL A 101 12.02 -6.50 -33.86
C VAL A 101 13.06 -5.74 -34.67
N ALA A 102 14.14 -6.43 -35.02
CA ALA A 102 15.22 -5.89 -35.84
C ALA A 102 15.57 -6.93 -36.91
N ASN A 103 15.34 -6.59 -38.17
CA ASN A 103 15.74 -7.40 -39.31
C ASN A 103 17.02 -6.82 -39.94
N VAL A 104 17.88 -7.71 -40.43
CA VAL A 104 19.11 -7.26 -41.09
C VAL A 104 19.44 -8.24 -42.22
N GLN A 105 19.63 -7.70 -43.42
CA GLN A 105 19.97 -8.50 -44.60
C GLN A 105 21.48 -8.71 -44.62
N SER A 106 21.90 -9.92 -44.27
CA SER A 106 23.31 -10.20 -44.11
C SER A 106 23.99 -10.63 -45.41
N PHE A 107 23.23 -11.15 -46.38
CA PHE A 107 23.77 -11.41 -47.70
C PHE A 107 22.67 -11.19 -48.74
N PRO A 108 22.92 -10.33 -49.76
CA PRO A 108 24.19 -9.62 -49.99
C PRO A 108 24.40 -8.50 -48.99
N PRO A 109 25.66 -8.20 -48.64
CA PRO A 109 25.92 -7.06 -47.75
C PRO A 109 25.21 -5.80 -48.23
N ALA A 110 24.20 -5.38 -47.48
CA ALA A 110 23.26 -4.33 -47.89
C ALA A 110 23.95 -2.98 -47.72
N PRO A 111 23.22 -1.84 -47.98
CA PRO A 111 23.72 -0.55 -47.48
C PRO A 111 24.14 -0.71 -46.03
N GLU A 112 25.46 -0.61 -45.80
CA GLU A 112 26.09 -1.26 -44.66
C GLU A 112 25.59 -0.73 -43.31
N ASP A 113 24.98 0.46 -43.29
CA ASP A 113 24.56 1.15 -42.07
C ASP A 113 25.79 1.44 -41.23
N LYS A 114 26.05 0.60 -40.23
CA LYS A 114 27.34 0.60 -39.53
C LYS A 114 27.72 -0.86 -39.29
N LYS A 115 28.79 -1.30 -39.93
CA LYS A 115 29.36 -2.57 -39.60
C LYS A 115 30.73 -2.29 -38.97
N PRO A 116 30.75 -1.83 -37.72
CA PRO A 116 32.03 -1.55 -37.05
C PRO A 116 32.67 -2.84 -36.57
N LEU A 117 33.00 -3.69 -37.52
CA LEU A 117 33.26 -5.11 -37.28
C LEU A 117 34.02 -5.27 -35.98
N THR A 118 33.41 -5.95 -35.02
CA THR A 118 34.11 -6.17 -33.77
C THR A 118 35.34 -7.04 -34.03
N ARG A 119 36.31 -6.96 -33.13
CA ARG A 119 37.48 -7.81 -33.28
C ARG A 119 37.05 -9.26 -33.40
N LEU A 120 36.00 -9.64 -32.66
CA LEU A 120 35.45 -10.98 -32.80
C LEU A 120 34.96 -11.21 -34.22
N GLN A 121 34.28 -10.24 -34.80
CA GLN A 121 33.70 -10.41 -36.12
C GLN A 121 34.79 -10.52 -37.19
N GLU A 122 35.76 -9.59 -37.17
CA GLU A 122 36.88 -9.65 -38.11
C GLU A 122 37.67 -10.95 -37.97
N ARG A 123 37.88 -11.40 -36.73
CA ARG A 123 38.54 -12.68 -36.53
C ARG A 123 37.76 -13.83 -37.17
N LEU A 124 36.46 -13.94 -36.85
CA LEU A 124 35.68 -15.09 -37.31
C LEU A 124 35.51 -15.08 -38.82
N ILE A 125 35.34 -13.89 -39.42
CA ILE A 125 35.18 -13.81 -40.87
C ILE A 125 36.42 -14.32 -41.58
N LYS A 126 37.60 -13.87 -41.12
CA LYS A 126 38.83 -14.23 -41.79
C LYS A 126 39.21 -15.68 -41.51
N LYS A 127 38.88 -16.21 -40.33
CA LYS A 127 39.11 -17.64 -40.11
C LYS A 127 38.10 -18.50 -40.88
N LEU A 128 36.82 -18.13 -40.84
CA LEU A 128 35.79 -18.99 -41.42
C LEU A 128 35.81 -18.97 -42.94
N GLY A 129 36.23 -17.87 -43.53
CA GLY A 129 36.43 -17.79 -44.96
C GLY A 129 35.46 -16.86 -45.68
N GLU A 130 35.27 -17.16 -46.96
CA GLU A 130 34.67 -16.20 -47.89
C GLU A 130 33.19 -16.01 -47.64
N HIS A 131 32.51 -17.05 -47.17
CA HIS A 131 31.06 -17.05 -47.11
C HIS A 131 30.55 -16.77 -45.71
N ALA A 132 31.42 -16.24 -44.84
CA ALA A 132 31.03 -15.66 -43.55
C ALA A 132 30.61 -14.21 -43.75
N TYR A 133 29.43 -13.87 -43.26
CA TYR A 133 28.94 -12.51 -43.35
C TYR A 133 28.49 -12.04 -41.97
N PRO A 134 28.86 -10.84 -41.56
CA PRO A 134 28.57 -10.40 -40.19
C PRO A 134 27.11 -10.01 -40.03
N PHE A 135 26.69 -9.97 -38.78
CA PHE A 135 25.43 -9.34 -38.42
C PHE A 135 25.59 -8.69 -37.06
N THR A 136 24.90 -7.57 -36.87
CA THR A 136 24.97 -6.79 -35.66
C THR A 136 23.57 -6.30 -35.29
N PHE A 137 23.23 -6.41 -34.00
CA PHE A 137 21.99 -5.86 -33.51
C PHE A 137 22.34 -4.95 -32.34
N GLU A 138 21.77 -3.75 -32.34
CA GLU A 138 21.86 -2.83 -31.21
C GLU A 138 20.55 -2.92 -30.45
N ILE A 139 20.60 -3.44 -29.23
CA ILE A 139 19.36 -3.58 -28.47
C ILE A 139 19.12 -2.24 -27.78
N PRO A 140 17.99 -1.60 -28.02
CA PRO A 140 17.70 -0.34 -27.34
C PRO A 140 17.60 -0.53 -25.84
N PRO A 141 17.88 0.51 -25.06
CA PRO A 141 17.66 0.44 -23.61
C PRO A 141 16.18 0.44 -23.25
N ASN A 142 15.92 0.08 -21.98
CA ASN A 142 14.58 0.03 -21.39
C ASN A 142 13.72 -1.09 -21.95
N LEU A 143 14.33 -2.08 -22.58
CA LEU A 143 13.59 -3.31 -22.83
C LEU A 143 13.62 -4.21 -21.62
N PRO A 144 12.58 -5.00 -21.39
CA PRO A 144 12.62 -5.99 -20.30
C PRO A 144 13.74 -6.99 -20.53
N SER A 145 14.46 -7.30 -19.46
CA SER A 145 15.45 -8.36 -19.47
C SER A 145 14.76 -9.72 -19.52
N SER A 146 15.52 -10.72 -19.97
CA SER A 146 15.01 -12.09 -20.01
C SER A 146 14.40 -12.47 -18.67
N VAL A 147 13.17 -12.98 -18.70
CA VAL A 147 12.49 -13.38 -17.48
C VAL A 147 11.44 -14.42 -17.87
N THR A 148 11.24 -15.38 -16.99
CA THR A 148 10.22 -16.40 -17.20
C THR A 148 9.64 -16.77 -15.85
N LEU A 149 8.38 -17.16 -15.85
CA LEU A 149 7.65 -17.40 -14.62
C LEU A 149 6.55 -18.42 -14.90
N GLN A 150 6.46 -19.45 -14.05
CA GLN A 150 5.40 -20.45 -14.13
C GLN A 150 4.23 -20.05 -13.24
N PRO A 151 3.06 -19.76 -13.81
CA PRO A 151 1.95 -19.26 -12.99
C PRO A 151 1.08 -20.38 -12.42
N GLY A 152 0.42 -20.05 -11.32
CA GLY A 152 -0.55 -20.91 -10.69
C GLY A 152 -0.08 -22.34 -10.47
N PRO A 153 -0.97 -23.29 -10.77
CA PRO A 153 -0.69 -24.70 -10.44
C PRO A 153 0.61 -25.20 -11.08
N GLU A 154 1.19 -26.20 -10.43
CA GLU A 154 2.57 -26.64 -10.65
C GLU A 154 2.77 -27.46 -11.92
N ASP A 155 1.77 -27.57 -12.82
CA ASP A 155 1.87 -28.56 -13.89
C ASP A 155 3.06 -28.33 -14.82
N THR A 156 3.81 -27.23 -14.65
CA THR A 156 4.93 -26.87 -15.55
C THR A 156 4.51 -26.93 -17.02
N GLY A 157 3.23 -26.67 -17.30
CA GLY A 157 2.75 -26.77 -18.65
C GLY A 157 3.22 -25.59 -19.49
N LYS A 158 2.73 -24.39 -19.14
CA LYS A 158 2.99 -23.17 -19.89
C LYS A 158 3.57 -22.12 -18.94
N ALA A 159 4.40 -21.24 -19.49
CA ALA A 159 5.03 -20.18 -18.69
C ALA A 159 4.84 -18.81 -19.35
N LEU A 160 4.73 -17.79 -18.52
CA LEU A 160 4.84 -16.41 -18.98
C LEU A 160 6.31 -16.00 -19.04
N GLY A 161 6.64 -15.13 -19.97
CA GLY A 161 8.01 -14.70 -20.02
C GLY A 161 8.31 -13.78 -21.17
N VAL A 162 9.54 -13.26 -21.13
CA VAL A 162 10.14 -12.46 -22.18
C VAL A 162 11.40 -13.19 -22.60
N ASP A 163 11.57 -13.40 -23.90
CA ASP A 163 12.84 -13.93 -24.39
C ASP A 163 13.29 -13.17 -25.64
N TYR A 164 14.56 -13.35 -25.98
CA TYR A 164 15.28 -12.67 -27.05
C TYR A 164 15.69 -13.70 -28.09
N GLU A 165 15.03 -13.72 -29.23
CA GLU A 165 15.32 -14.75 -30.22
C GLU A 165 16.10 -14.18 -31.39
N VAL A 166 17.20 -14.85 -31.72
CA VAL A 166 18.00 -14.59 -32.92
C VAL A 166 17.68 -15.67 -33.95
N LYS A 167 17.34 -15.25 -35.16
CA LYS A 167 16.83 -16.14 -36.19
C LYS A 167 17.49 -15.81 -37.52
N ALA A 168 18.29 -16.74 -38.01
CA ALA A 168 18.95 -16.63 -39.30
C ALA A 168 18.23 -17.55 -40.28
N PHE A 169 17.93 -17.03 -41.46
CA PHE A 169 17.28 -17.86 -42.46
C PHE A 169 17.68 -17.39 -43.86
N VAL A 170 17.66 -18.33 -44.79
CA VAL A 170 17.79 -18.01 -46.21
C VAL A 170 16.39 -17.88 -46.80
N ALA A 171 16.14 -16.76 -47.46
CA ALA A 171 14.88 -16.50 -48.13
C ALA A 171 15.19 -15.66 -49.36
N GLU A 172 14.15 -15.17 -50.02
CA GLU A 172 14.31 -14.15 -51.06
C GLU A 172 13.79 -12.80 -50.63
N ASN A 173 12.88 -12.76 -49.65
CA ASN A 173 12.31 -11.54 -49.10
C ASN A 173 11.83 -11.86 -47.69
N LEU A 174 11.45 -10.82 -46.95
CA LEU A 174 10.96 -11.02 -45.60
C LEU A 174 9.46 -11.29 -45.52
N GLU A 175 8.84 -11.68 -46.63
CA GLU A 175 7.44 -12.08 -46.63
C GLU A 175 7.26 -13.57 -46.94
N GLU A 176 8.29 -14.22 -47.47
CA GLU A 176 8.23 -15.63 -47.77
C GLU A 176 8.10 -16.45 -46.50
N LYS A 177 7.24 -17.46 -46.53
CA LYS A 177 7.26 -18.48 -45.49
C LYS A 177 8.61 -19.18 -45.53
N ILE A 178 9.26 -19.28 -44.39
CA ILE A 178 10.60 -19.82 -44.31
C ILE A 178 10.52 -21.25 -43.77
N HIS A 179 11.08 -22.18 -44.52
CA HIS A 179 11.15 -23.57 -44.10
C HIS A 179 12.07 -23.71 -42.90
N LYS A 180 11.60 -24.44 -41.89
CA LYS A 180 12.33 -24.63 -40.65
C LYS A 180 13.68 -25.29 -40.87
N ARG A 181 13.84 -26.07 -41.96
CA ARG A 181 15.14 -26.65 -42.26
C ARG A 181 16.16 -25.56 -42.60
N ASN A 182 15.69 -24.41 -43.07
CA ASN A 182 16.60 -23.34 -43.45
C ASN A 182 16.86 -22.33 -42.34
N SER A 183 16.01 -22.26 -41.32
CA SER A 183 16.24 -21.36 -40.21
C SER A 183 17.15 -22.01 -39.18
N VAL A 184 17.91 -21.18 -38.48
CA VAL A 184 18.48 -21.53 -37.17
C VAL A 184 17.95 -20.51 -36.17
N ARG A 185 17.52 -20.99 -35.00
CA ARG A 185 17.00 -20.15 -33.93
C ARG A 185 17.90 -20.30 -32.71
N LEU A 186 18.31 -19.16 -32.12
CA LEU A 186 19.07 -19.16 -30.87
C LEU A 186 18.36 -18.22 -29.90
N VAL A 187 18.07 -18.71 -28.71
CA VAL A 187 17.50 -17.88 -27.65
C VAL A 187 18.66 -17.33 -26.84
N ILE A 188 18.88 -16.03 -26.93
CA ILE A 188 19.90 -15.37 -26.16
C ILE A 188 19.24 -14.76 -24.93
N ARG A 189 20.05 -14.23 -24.03
CA ARG A 189 19.57 -13.59 -22.82
C ARG A 189 20.02 -12.14 -22.77
N LYS A 190 19.10 -11.23 -22.47
CA LYS A 190 19.49 -9.90 -21.99
C LYS A 190 19.40 -9.92 -20.48
N VAL A 191 20.53 -9.68 -19.81
CA VAL A 191 20.64 -9.68 -18.36
C VAL A 191 20.96 -8.27 -17.91
N GLN A 192 20.44 -7.88 -16.74
CA GLN A 192 20.49 -6.51 -16.26
C GLN A 192 21.60 -6.33 -15.21
N TYR A 193 22.55 -5.46 -15.50
CA TYR A 193 23.56 -5.03 -14.54
C TYR A 193 23.21 -3.62 -14.04
N ALA A 194 23.73 -3.28 -12.87
CA ALA A 194 23.74 -1.89 -12.45
C ALA A 194 24.89 -1.71 -11.48
N PRO A 195 25.63 -0.61 -11.59
CA PRO A 195 26.75 -0.41 -10.68
C PRO A 195 26.28 0.19 -9.37
N GLU A 196 27.11 0.01 -8.35
CA GLU A 196 26.87 0.60 -7.04
C GLU A 196 27.67 1.88 -6.89
N ARG A 197 27.01 2.93 -6.41
CA ARG A 197 27.69 4.09 -5.83
C ARG A 197 26.77 4.66 -4.77
N PRO A 198 26.87 4.16 -3.51
CA PRO A 198 25.95 4.61 -2.45
C PRO A 198 26.48 5.65 -1.45
N GLY A 199 25.56 6.16 -0.65
CA GLY A 199 25.78 6.56 0.72
C GLY A 199 24.67 5.90 1.51
N PRO A 200 25.01 5.13 2.58
CA PRO A 200 24.24 3.93 2.95
C PRO A 200 22.71 4.00 2.94
N GLN A 201 22.09 2.83 2.72
CA GLN A 201 20.65 2.73 2.52
C GLN A 201 19.87 3.22 3.74
N PRO A 202 18.71 3.86 3.54
CA PRO A 202 17.94 4.35 4.70
C PRO A 202 17.29 3.20 5.46
N THR A 203 16.97 3.48 6.72
CA THR A 203 16.33 2.52 7.60
C THR A 203 14.83 2.52 7.43
N ALA A 204 14.23 1.33 7.45
CA ALA A 204 12.79 1.25 7.63
C ALA A 204 12.51 1.06 9.11
N GLU A 205 11.30 1.43 9.53
CA GLU A 205 11.11 1.61 10.95
C GLU A 205 9.62 1.51 11.29
N THR A 206 9.28 0.84 12.40
CA THR A 206 7.89 0.83 12.85
C THR A 206 7.74 0.89 14.36
N THR A 207 6.84 1.78 14.80
CA THR A 207 6.43 1.97 16.20
C THR A 207 5.13 1.20 16.42
N ARG A 208 5.04 0.44 17.50
CA ARG A 208 3.82 -0.33 17.71
C ARG A 208 3.54 -0.48 19.21
N GLN A 209 2.27 -0.35 19.57
CA GLN A 209 1.84 -0.47 20.99
C GLN A 209 1.13 -1.82 21.19
N PHE A 210 1.36 -2.47 22.32
CA PHE A 210 0.81 -3.83 22.58
C PHE A 210 -0.03 -3.92 23.84
N LEU A 211 -1.37 -3.83 23.73
CA LEU A 211 -2.30 -3.92 24.89
C LEU A 211 -1.76 -5.03 25.76
N MET A 212 -0.95 -4.61 26.73
CA MET A 212 -1.11 -3.28 27.33
C MET A 212 0.21 -2.56 27.21
N SER A 213 0.33 -1.62 26.29
CA SER A 213 1.70 -1.05 26.15
C SER A 213 1.87 0.26 26.88
N ASP A 214 1.14 1.28 26.47
CA ASP A 214 1.41 2.63 26.96
C ASP A 214 2.76 3.16 26.46
N LYS A 215 3.67 2.29 26.08
CA LYS A 215 4.92 2.74 25.48
C LYS A 215 5.21 1.78 24.35
N PRO A 216 5.83 2.24 23.27
CA PRO A 216 6.00 1.38 22.09
C PRO A 216 7.24 0.48 22.10
N LEU A 217 7.08 -0.69 21.49
CA LEU A 217 8.21 -1.41 20.91
C LEU A 217 8.60 -0.75 19.60
N HIS A 218 9.84 -0.30 19.49
CA HIS A 218 10.33 0.39 18.32
C HIS A 218 11.26 -0.54 17.53
N LEU A 219 10.96 -0.74 16.23
CA LEU A 219 11.70 -1.68 15.38
C LEU A 219 12.38 -0.92 14.26
N GLU A 220 13.68 -1.05 14.16
CA GLU A 220 14.46 -0.36 13.14
C GLU A 220 15.36 -1.35 12.44
N ALA A 221 15.44 -1.26 11.12
CA ALA A 221 16.30 -2.16 10.39
C ALA A 221 16.85 -1.45 9.18
N SER A 222 18.05 -1.85 8.74
CA SER A 222 18.63 -1.31 7.53
C SER A 222 19.54 -2.35 6.88
N LEU A 223 19.94 -2.05 5.64
CA LEU A 223 20.65 -2.95 4.76
C LEU A 223 21.99 -2.34 4.39
N ASP A 224 22.99 -3.21 4.16
CA ASP A 224 24.34 -2.70 3.95
C ASP A 224 24.50 -2.02 2.59
N LYS A 225 23.75 -2.45 1.58
CA LYS A 225 23.87 -1.92 0.22
C LYS A 225 22.48 -1.76 -0.36
N GLU A 226 22.34 -0.87 -1.36
CA GLU A 226 21.11 -0.83 -2.15
C GLU A 226 21.06 -1.95 -3.19
N ILE A 227 22.22 -2.29 -3.76
CA ILE A 227 22.32 -3.16 -4.93
C ILE A 227 23.09 -4.40 -4.55
N TYR A 228 22.47 -5.56 -4.75
CA TYR A 228 23.13 -6.85 -4.56
C TYR A 228 23.16 -7.60 -5.87
N TYR A 229 24.05 -8.58 -5.92
CA TYR A 229 24.23 -9.41 -7.09
C TYR A 229 23.92 -10.86 -6.74
N HIS A 230 23.61 -11.64 -7.74
CA HIS A 230 23.32 -13.06 -7.53
C HIS A 230 24.42 -13.74 -6.74
N GLY A 231 24.03 -14.49 -5.72
CA GLY A 231 24.99 -15.10 -4.85
C GLY A 231 25.56 -14.20 -3.77
N GLU A 232 25.36 -12.88 -3.85
CA GLU A 232 25.95 -11.99 -2.85
C GLU A 232 25.11 -12.01 -1.57
N PRO A 233 25.72 -12.22 -0.40
CA PRO A 233 24.96 -12.20 0.86
C PRO A 233 24.38 -10.82 1.15
N ILE A 234 23.26 -10.81 1.86
CA ILE A 234 22.61 -9.58 2.30
C ILE A 234 22.73 -9.53 3.80
N SER A 235 23.19 -8.38 4.31
CA SER A 235 23.31 -8.17 5.75
C SER A 235 22.25 -7.18 6.22
N VAL A 236 21.44 -7.63 7.17
CA VAL A 236 20.31 -6.89 7.73
C VAL A 236 20.65 -6.46 9.14
N ASN A 237 20.76 -5.16 9.36
CA ASN A 237 21.03 -4.61 10.69
C ASN A 237 19.70 -4.35 11.38
N VAL A 238 19.45 -5.05 12.48
CA VAL A 238 18.15 -5.10 13.17
C VAL A 238 18.33 -4.46 14.54
N HIS A 239 17.51 -3.47 14.86
CA HIS A 239 17.63 -2.75 16.12
C HIS A 239 16.24 -2.58 16.74
N VAL A 240 16.05 -3.16 17.93
CA VAL A 240 14.77 -3.19 18.62
C VAL A 240 14.92 -2.40 19.90
N THR A 241 13.99 -1.48 20.15
CA THR A 241 13.88 -0.83 21.46
C THR A 241 12.52 -1.20 22.02
N ASN A 242 12.49 -2.10 22.99
CA ASN A 242 11.26 -2.64 23.57
C ASN A 242 10.91 -1.91 24.87
N ASN A 243 10.10 -0.86 24.79
CA ASN A 243 9.59 -0.19 25.99
C ASN A 243 8.25 -0.77 26.44
N THR A 244 8.02 -2.05 26.19
CA THR A 244 6.82 -2.72 26.64
C THR A 244 7.18 -3.80 27.64
N ASN A 245 6.17 -4.32 28.30
CA ASN A 245 6.31 -5.45 29.19
C ASN A 245 6.32 -6.78 28.42
N LYS A 246 5.99 -6.75 27.14
CA LYS A 246 5.99 -7.97 26.33
C LYS A 246 7.42 -8.42 26.02
N THR A 247 7.53 -9.67 25.59
CA THR A 247 8.80 -10.26 25.23
C THR A 247 8.75 -10.71 23.78
N VAL A 248 9.69 -10.22 22.97
CA VAL A 248 9.92 -10.78 21.64
C VAL A 248 10.55 -12.15 21.83
N LYS A 249 9.90 -13.19 21.30
CA LYS A 249 10.44 -14.52 21.49
C LYS A 249 11.29 -15.00 20.33
N LYS A 250 11.01 -14.51 19.12
CA LYS A 250 11.57 -15.04 17.88
C LYS A 250 11.72 -13.89 16.89
N ILE A 251 12.69 -14.01 16.00
CA ILE A 251 12.94 -13.07 14.92
C ILE A 251 13.06 -13.85 13.63
N LYS A 252 12.16 -13.59 12.68
CA LYS A 252 12.20 -14.14 11.33
C LYS A 252 12.69 -13.08 10.36
N ILE A 253 13.73 -13.40 9.59
CA ILE A 253 14.28 -12.52 8.56
C ILE A 253 14.07 -13.20 7.22
N SER A 254 13.64 -12.44 6.22
CA SER A 254 13.07 -13.01 5.00
C SER A 254 13.55 -12.21 3.80
N VAL A 255 13.68 -12.87 2.66
CA VAL A 255 13.74 -12.17 1.37
C VAL A 255 12.54 -12.65 0.55
N ARG A 256 11.72 -11.71 0.09
CA ARG A 256 10.56 -12.06 -0.70
C ARG A 256 10.71 -11.44 -2.08
N GLN A 257 10.40 -12.23 -3.10
CA GLN A 257 10.28 -11.70 -4.46
C GLN A 257 8.83 -11.33 -4.70
N TYR A 258 8.62 -10.20 -5.37
CA TYR A 258 7.32 -9.76 -5.85
C TYR A 258 7.34 -9.79 -7.38
N ALA A 259 6.32 -10.38 -7.99
CA ALA A 259 6.29 -10.50 -9.44
C ALA A 259 4.91 -10.10 -9.92
N ASP A 260 4.85 -8.98 -10.65
CA ASP A 260 3.59 -8.45 -11.16
C ASP A 260 3.52 -8.67 -12.66
N ILE A 261 2.59 -9.52 -13.09
CA ILE A 261 2.31 -9.71 -14.50
C ILE A 261 1.50 -8.54 -14.98
N VAL A 262 1.99 -7.82 -16.01
CA VAL A 262 1.27 -6.64 -16.45
C VAL A 262 0.84 -6.72 -17.91
N LEU A 263 1.07 -7.84 -18.57
CA LEU A 263 0.61 -8.10 -19.92
C LEU A 263 -0.18 -9.39 -19.90
N PHE A 264 -1.23 -9.41 -20.69
CA PHE A 264 -2.01 -10.58 -21.06
C PHE A 264 -2.84 -11.15 -19.95
N ASN A 265 -2.37 -11.06 -18.70
CA ASN A 265 -3.16 -11.53 -17.57
C ASN A 265 -2.58 -10.91 -16.29
N THR A 266 -3.22 -9.86 -15.83
CA THR A 266 -2.76 -9.16 -14.65
C THR A 266 -2.85 -10.01 -13.41
N ALA A 267 -1.79 -10.02 -12.62
CA ALA A 267 -1.68 -10.88 -11.44
C ALA A 267 -0.47 -10.49 -10.63
N GLN A 268 -0.54 -10.66 -9.31
CA GLN A 268 0.60 -10.43 -8.42
C GLN A 268 0.97 -11.73 -7.73
N TYR A 269 2.26 -12.08 -7.74
CA TYR A 269 2.79 -13.20 -6.99
C TYR A 269 3.81 -12.67 -6.00
N LYS A 270 4.03 -13.45 -4.94
CA LYS A 270 5.01 -13.14 -3.91
C LYS A 270 5.55 -14.46 -3.39
N VAL A 271 6.87 -14.64 -3.42
CA VAL A 271 7.50 -15.90 -3.09
C VAL A 271 8.70 -15.63 -2.18
N PRO A 272 8.76 -16.21 -0.99
CA PRO A 272 10.01 -16.08 -0.21
C PRO A 272 11.11 -16.89 -0.87
N VAL A 273 12.33 -16.35 -0.79
CA VAL A 273 13.48 -16.94 -1.45
C VAL A 273 14.68 -17.09 -0.52
N ALA A 274 14.54 -16.72 0.76
CA ALA A 274 15.50 -16.92 1.83
C ALA A 274 14.79 -16.63 3.15
N MET A 275 15.22 -17.32 4.21
CA MET A 275 14.53 -17.22 5.49
C MET A 275 15.46 -17.67 6.61
N GLU A 276 15.61 -16.84 7.63
CA GLU A 276 16.31 -17.24 8.84
C GLU A 276 15.43 -16.96 10.04
N GLU A 277 15.06 -18.01 10.76
CA GLU A 277 14.45 -17.87 12.07
C GLU A 277 15.55 -17.96 13.12
N ALA A 278 15.60 -16.96 14.00
CA ALA A 278 16.49 -16.99 15.15
C ALA A 278 15.64 -16.96 16.40
N ASP A 279 15.86 -17.92 17.30
CA ASP A 279 15.28 -17.84 18.62
C ASP A 279 16.10 -16.86 19.47
N ASP A 280 16.15 -15.61 19.00
CA ASP A 280 16.77 -14.51 19.70
C ASP A 280 15.67 -13.68 20.35
N THR A 281 15.75 -13.48 21.67
CA THR A 281 14.69 -12.79 22.39
C THR A 281 15.07 -11.33 22.67
N VAL A 282 14.05 -10.48 22.80
CA VAL A 282 14.22 -9.10 23.27
C VAL A 282 13.41 -8.95 24.54
N ALA A 283 14.12 -8.72 25.64
CA ALA A 283 13.50 -8.71 26.94
C ALA A 283 12.65 -7.45 27.11
N PRO A 284 11.63 -7.51 27.95
CA PRO A 284 10.87 -6.29 28.28
C PRO A 284 11.81 -5.18 28.74
N SER A 285 11.48 -3.93 28.34
CA SER A 285 12.25 -2.78 28.76
C SER A 285 13.74 -2.95 28.49
N SER A 286 14.05 -3.40 27.28
CA SER A 286 15.44 -3.57 26.89
C SER A 286 15.58 -3.20 25.43
N THR A 287 16.82 -2.91 25.03
CA THR A 287 17.12 -2.71 23.62
C THR A 287 18.00 -3.85 23.12
N PHE A 288 17.87 -4.14 21.83
CA PHE A 288 18.48 -5.30 21.21
C PHE A 288 18.99 -4.87 19.86
N SER A 289 20.16 -5.37 19.48
CA SER A 289 20.67 -5.04 18.17
C SER A 289 21.45 -6.25 17.68
N LYS A 290 21.42 -6.49 16.37
CA LYS A 290 22.07 -7.68 15.81
C LYS A 290 22.06 -7.60 14.30
N VAL A 291 23.12 -8.10 13.68
CA VAL A 291 23.23 -8.12 12.23
C VAL A 291 22.95 -9.53 11.75
N TYR A 292 21.91 -9.70 10.93
CA TYR A 292 21.62 -10.99 10.33
C TYR A 292 22.07 -11.01 8.88
N THR A 293 22.45 -12.21 8.40
CA THR A 293 22.98 -12.35 7.04
C THR A 293 22.28 -13.48 6.32
N LEU A 294 21.91 -13.19 5.07
CA LEU A 294 20.93 -13.97 4.35
C LEU A 294 21.30 -13.86 2.87
N THR A 295 21.19 -14.95 2.12
CA THR A 295 21.46 -14.94 0.67
C THR A 295 20.31 -15.56 -0.09
N PRO A 296 19.62 -14.81 -0.96
CA PRO A 296 18.57 -15.43 -1.80
C PRO A 296 19.21 -16.36 -2.81
N PHE A 297 18.79 -17.62 -2.80
CA PHE A 297 19.34 -18.66 -3.66
C PHE A 297 18.21 -19.35 -4.42
N LEU A 298 18.37 -19.49 -5.73
CA LEU A 298 17.38 -20.22 -6.53
C LEU A 298 17.34 -21.69 -6.15
N ALA A 299 18.50 -22.28 -5.82
CA ALA A 299 18.57 -23.72 -5.59
C ALA A 299 17.51 -24.19 -4.61
N ASN A 300 17.24 -23.39 -3.58
CA ASN A 300 16.27 -23.72 -2.55
C ASN A 300 14.86 -23.27 -2.91
N ASN A 301 14.63 -22.87 -4.16
CA ASN A 301 13.30 -22.52 -4.67
C ASN A 301 13.03 -23.23 -5.98
N ARG A 302 13.81 -24.28 -6.27
CA ARG A 302 13.70 -25.06 -7.50
C ARG A 302 12.28 -25.60 -7.69
N GLU A 303 11.56 -25.83 -6.60
CA GLU A 303 10.22 -26.40 -6.63
C GLU A 303 9.12 -25.36 -6.81
N LYS A 304 9.38 -24.09 -6.48
CA LYS A 304 8.33 -23.10 -6.36
C LYS A 304 7.85 -22.60 -7.72
N ARG A 305 6.56 -22.25 -7.77
CA ARG A 305 5.92 -21.69 -8.95
C ARG A 305 5.40 -20.31 -8.59
N GLY A 306 5.15 -19.50 -9.62
CA GLY A 306 4.97 -18.09 -9.41
C GLY A 306 6.25 -17.36 -9.11
N LEU A 307 7.39 -18.01 -9.35
CA LEU A 307 8.70 -17.44 -9.06
C LEU A 307 9.33 -16.96 -10.37
N ALA A 308 9.76 -15.70 -10.40
CA ALA A 308 10.38 -15.15 -11.59
C ALA A 308 11.85 -15.54 -11.68
N LEU A 309 12.25 -16.09 -12.83
CA LEU A 309 13.63 -16.46 -13.10
C LEU A 309 14.11 -15.74 -14.36
N ASP A 310 15.43 -15.66 -14.54
CA ASP A 310 15.98 -15.02 -15.73
C ASP A 310 16.23 -16.00 -16.86
N GLY A 311 15.56 -17.14 -16.83
CA GLY A 311 15.84 -18.21 -17.76
C GLY A 311 15.21 -19.50 -17.26
N LYS A 312 15.43 -20.56 -18.03
CA LYS A 312 14.76 -21.82 -17.76
C LYS A 312 15.35 -22.50 -16.52
N LEU A 313 14.45 -23.09 -15.72
CA LEU A 313 14.87 -23.87 -14.56
C LEU A 313 15.89 -24.95 -14.94
N LYS A 314 15.70 -25.56 -16.12
CA LYS A 314 16.63 -26.56 -16.65
C LYS A 314 18.09 -26.11 -16.55
N HIS A 315 18.40 -25.01 -17.22
CA HIS A 315 19.79 -24.57 -17.43
C HIS A 315 20.42 -24.06 -16.13
N GLU A 316 21.70 -24.37 -15.98
CA GLU A 316 22.38 -23.98 -14.75
C GLU A 316 22.81 -22.53 -14.75
N ASP A 317 22.81 -21.83 -15.89
CA ASP A 317 23.08 -20.40 -15.82
C ASP A 317 21.82 -19.60 -15.46
N THR A 318 20.76 -20.28 -15.02
CA THR A 318 19.55 -19.59 -14.60
C THR A 318 19.67 -19.18 -13.13
N ASN A 319 19.28 -17.94 -12.85
CA ASN A 319 19.23 -17.39 -11.48
C ASN A 319 17.82 -16.87 -11.23
N LEU A 320 17.63 -16.39 -9.99
CA LEU A 320 16.50 -15.53 -9.68
C LEU A 320 16.42 -14.38 -10.67
N ALA A 321 15.20 -13.95 -11.01
CA ALA A 321 15.07 -12.85 -11.96
C ALA A 321 15.69 -11.59 -11.36
N SER A 322 16.33 -10.79 -12.21
CA SER A 322 16.86 -9.53 -11.71
C SER A 322 15.71 -8.53 -11.49
N SER A 323 15.98 -7.53 -10.66
CA SER A 323 14.99 -6.49 -10.39
C SER A 323 14.69 -5.71 -11.65
N THR A 324 13.42 -5.36 -11.83
CA THR A 324 13.01 -4.48 -12.91
C THR A 324 13.46 -3.06 -12.59
N LEU A 325 14.31 -2.49 -13.44
CA LEU A 325 14.73 -1.10 -13.30
C LEU A 325 13.67 -0.21 -13.92
N LEU A 326 13.00 0.57 -13.10
CA LEU A 326 11.90 1.39 -13.59
C LEU A 326 12.30 2.85 -13.53
N ARG A 327 12.30 3.51 -14.68
CA ARG A 327 12.48 4.95 -14.73
C ARG A 327 11.12 5.63 -14.70
N GLU A 328 11.07 6.79 -14.05
CA GLU A 328 9.83 7.53 -13.90
C GLU A 328 9.17 7.77 -15.26
N GLY A 329 7.85 7.59 -15.30
CA GLY A 329 7.11 7.76 -16.53
C GLY A 329 7.59 6.87 -17.64
N ALA A 330 7.95 5.63 -17.32
CA ALA A 330 8.20 4.59 -18.32
C ALA A 330 6.97 3.72 -18.43
N ASN A 331 6.70 3.26 -19.65
CA ASN A 331 5.54 2.40 -19.88
C ASN A 331 5.73 1.09 -19.12
N ARG A 332 4.98 0.89 -18.03
CA ARG A 332 5.12 -0.33 -17.22
C ARG A 332 4.65 -1.57 -17.97
N GLU A 333 3.59 -1.43 -18.76
CA GLU A 333 2.91 -2.58 -19.34
C GLU A 333 3.83 -3.39 -20.23
N ILE A 334 4.66 -2.73 -21.02
CA ILE A 334 5.40 -3.43 -22.06
C ILE A 334 6.64 -4.06 -21.45
N LEU A 335 6.78 -3.96 -20.13
CA LEU A 335 7.80 -4.75 -19.45
C LEU A 335 7.33 -6.16 -19.20
N GLY A 336 6.03 -6.41 -19.27
CA GLY A 336 5.46 -7.73 -19.08
C GLY A 336 5.41 -8.28 -17.68
N ILE A 337 6.54 -8.24 -16.97
CA ILE A 337 6.69 -8.77 -15.63
C ILE A 337 7.55 -7.78 -14.87
N ILE A 338 7.02 -7.21 -13.80
CA ILE A 338 7.75 -6.31 -12.94
C ILE A 338 8.23 -7.12 -11.76
N VAL A 339 9.55 -7.19 -11.59
CA VAL A 339 10.15 -8.00 -10.54
C VAL A 339 10.81 -7.05 -9.54
N SER A 340 10.57 -7.29 -8.25
CA SER A 340 11.25 -6.56 -7.18
C SER A 340 11.42 -7.46 -5.95
N TYR A 341 12.22 -6.97 -5.00
CA TYR A 341 12.68 -7.77 -3.87
C TYR A 341 12.65 -6.96 -2.59
N LYS A 342 12.27 -7.59 -1.50
CA LYS A 342 12.28 -6.93 -0.21
C LYS A 342 12.79 -7.87 0.85
N VAL A 343 13.41 -7.30 1.86
CA VAL A 343 13.80 -8.00 3.08
C VAL A 343 12.74 -7.70 4.11
N LYS A 344 12.19 -8.73 4.73
CA LYS A 344 11.27 -8.55 5.85
C LYS A 344 11.98 -8.92 7.15
N VAL A 345 11.79 -8.11 8.18
CA VAL A 345 12.19 -8.43 9.54
C VAL A 345 10.93 -8.51 10.39
N LYS A 346 10.64 -9.69 10.94
CA LYS A 346 9.44 -9.89 11.74
C LYS A 346 9.80 -10.25 13.18
N LEU A 347 9.27 -9.48 14.12
CA LEU A 347 9.39 -9.79 15.55
C LEU A 347 8.16 -10.57 15.99
N VAL A 348 8.35 -11.77 16.50
CA VAL A 348 7.25 -12.55 17.06
C VAL A 348 7.15 -12.23 18.54
N VAL A 349 6.04 -11.63 18.95
CA VAL A 349 5.89 -11.11 20.29
C VAL A 349 4.85 -11.93 21.03
N SER A 350 5.15 -12.33 22.26
CA SER A 350 4.23 -13.15 23.02
C SER A 350 3.14 -12.27 23.62
N ARG A 351 1.88 -12.56 23.28
CA ARG A 351 0.74 -11.79 23.74
C ARG A 351 0.49 -12.04 25.24
N ALA A 359 -1.20 -16.79 22.03
CA ALA A 359 -0.57 -15.64 22.68
C ALA A 359 0.67 -15.18 21.91
N SER A 360 0.46 -14.56 20.74
CA SER A 360 1.57 -14.14 19.89
C SER A 360 1.12 -13.01 18.96
N SER A 361 2.06 -12.13 18.64
CA SER A 361 1.81 -10.94 17.83
C SER A 361 3.01 -10.73 16.92
N ASP A 362 2.84 -9.88 15.89
CA ASP A 362 3.87 -9.69 14.88
C ASP A 362 4.11 -8.20 14.64
N VAL A 363 5.37 -7.79 14.71
CA VAL A 363 5.84 -6.46 14.37
C VAL A 363 6.81 -6.63 13.20
N ALA A 364 6.70 -5.79 12.17
CA ALA A 364 7.57 -6.03 11.02
C ALA A 364 7.88 -4.78 10.21
N VAL A 365 9.00 -4.82 9.51
CA VAL A 365 9.33 -3.84 8.50
C VAL A 365 9.79 -4.59 7.27
N GLU A 366 9.79 -3.91 6.15
CA GLU A 366 10.27 -4.44 4.90
C GLU A 366 11.20 -3.42 4.28
N LEU A 367 12.23 -3.90 3.62
CA LEU A 367 13.33 -3.06 3.18
C LEU A 367 13.60 -3.35 1.72
N PRO A 368 13.34 -2.40 0.84
CA PRO A 368 13.56 -2.63 -0.60
C PRO A 368 15.03 -2.76 -0.91
N PHE A 369 15.34 -3.58 -1.92
CA PHE A 369 16.68 -3.61 -2.48
C PHE A 369 16.59 -4.09 -3.93
N THR A 370 17.66 -3.79 -4.66
CA THR A 370 17.78 -4.08 -6.09
C THR A 370 18.72 -5.26 -6.24
N LEU A 371 18.32 -6.24 -7.03
CA LEU A 371 19.10 -7.44 -7.29
C LEU A 371 19.52 -7.44 -8.76
N MET A 372 20.81 -7.54 -9.04
CA MET A 372 21.30 -7.34 -10.39
C MET A 372 22.14 -8.53 -10.85
N HIS A 373 22.34 -8.62 -12.17
CA HIS A 373 23.25 -9.62 -12.69
C HIS A 373 24.69 -9.28 -12.29
N PRO A 374 25.46 -10.26 -11.85
CA PRO A 374 26.81 -9.96 -11.38
C PRO A 374 27.66 -9.42 -12.51
N LYS A 375 28.62 -8.56 -12.15
CA LYS A 375 29.44 -7.84 -13.12
C LYS A 375 30.27 -8.81 -13.96
N PRO A 376 30.29 -8.65 -15.28
CA PRO A 376 31.05 -9.58 -16.14
C PRO A 376 32.55 -9.38 -16.02
N LYS A 377 33.27 -10.47 -15.71
CA LYS A 377 34.71 -10.40 -15.43
C LYS A 377 35.53 -10.14 -16.68
N GLU A 378 35.70 -8.87 -17.06
CA GLU A 378 36.43 -8.50 -18.27
C GLU A 378 37.29 -7.25 -18.03
N GLU A 379 38.05 -7.24 -16.94
CA GLU A 379 38.97 -6.13 -16.67
C GLU A 379 40.12 -6.10 -17.69
N ASP A 403 48.13 -21.92 -31.98
CA ASP A 403 47.71 -20.98 -33.02
C ASP A 403 46.57 -20.05 -32.57
N ASP A 404 45.48 -20.05 -33.34
CA ASP A 404 44.34 -19.16 -33.07
C ASP A 404 43.58 -19.64 -31.83
N ASP A 405 43.42 -18.74 -30.86
CA ASP A 405 42.66 -19.03 -29.64
C ASP A 405 41.17 -18.99 -29.98
N ILE A 406 40.67 -20.06 -30.60
CA ILE A 406 39.27 -20.09 -31.00
C ILE A 406 38.68 -21.49 -30.87
N VAL A 407 37.94 -21.75 -29.79
CA VAL A 407 37.35 -23.06 -29.54
C VAL A 407 35.85 -22.94 -29.70
N PHE A 408 35.31 -23.53 -30.78
CA PHE A 408 33.87 -23.52 -30.98
C PHE A 408 33.18 -24.40 -29.95
N GLU A 409 32.06 -23.90 -29.41
CA GLU A 409 31.17 -24.64 -28.54
C GLU A 409 29.75 -24.57 -29.08
N ASP A 410 28.98 -25.64 -28.86
CA ASP A 410 27.57 -25.62 -29.20
C ASP A 410 26.88 -24.50 -28.43
N PHE A 411 26.06 -23.72 -29.13
CA PHE A 411 25.17 -22.81 -28.42
C PHE A 411 24.12 -23.60 -27.66
N ALA A 412 23.72 -24.75 -28.19
CA ALA A 412 22.46 -25.38 -27.86
C ALA A 412 22.32 -25.55 -26.36
N ARG A 413 21.45 -24.74 -25.78
CA ARG A 413 21.05 -24.75 -24.37
C ARG A 413 22.26 -24.62 -23.44
N GLN A 414 22.20 -25.26 -22.29
CA GLN A 414 23.16 -25.06 -21.20
C GLN A 414 23.19 -26.28 -20.29
N LYS B 24 -34.73 33.83 23.34
CA LYS B 24 -34.64 33.71 21.89
C LYS B 24 -35.13 32.34 21.40
N GLY B 25 -35.49 31.46 22.34
CA GLY B 25 -35.75 30.07 21.99
C GLY B 25 -34.62 29.15 22.43
N THR B 26 -34.17 29.32 23.66
CA THR B 26 -32.90 28.77 24.12
C THR B 26 -33.12 27.52 24.95
N ARG B 27 -32.60 26.39 24.47
CA ARG B 27 -32.52 25.16 25.24
C ARG B 27 -31.25 25.19 26.10
N VAL B 28 -31.36 24.66 27.33
CA VAL B 28 -30.27 24.75 28.29
C VAL B 28 -30.20 23.45 29.07
N PHE B 29 -29.05 22.78 29.00
CA PHE B 29 -28.84 21.46 29.60
C PHE B 29 -28.12 21.64 30.92
N LYS B 30 -28.53 20.88 31.93
CA LYS B 30 -28.05 21.09 33.28
C LYS B 30 -27.85 19.76 33.96
N LYS B 31 -27.02 19.76 35.01
CA LYS B 31 -26.80 18.55 35.77
C LYS B 31 -26.28 18.92 37.14
N ALA B 32 -26.85 18.30 38.17
CA ALA B 32 -26.50 18.54 39.56
C ALA B 32 -25.50 17.53 40.10
N SER B 33 -24.69 17.99 41.04
CA SER B 33 -23.91 17.12 41.90
C SER B 33 -24.83 16.14 42.64
N PRO B 34 -24.27 15.02 43.17
CA PRO B 34 -25.08 14.13 44.02
C PRO B 34 -25.75 14.84 45.18
N ASN B 35 -24.98 15.51 46.05
CA ASN B 35 -25.57 16.23 47.16
C ASN B 35 -26.34 17.48 46.74
N GLY B 36 -26.36 17.81 45.46
CA GLY B 36 -27.18 18.90 44.99
C GLY B 36 -26.61 20.29 45.23
N LYS B 37 -25.40 20.40 45.77
CA LYS B 37 -24.84 21.72 46.00
C LYS B 37 -24.23 22.36 44.75
N LEU B 38 -23.82 21.56 43.76
CA LEU B 38 -23.23 22.04 42.50
C LEU B 38 -24.18 21.77 41.33
N THR B 39 -24.20 22.68 40.36
CA THR B 39 -24.99 22.45 39.16
C THR B 39 -24.34 23.13 37.97
N VAL B 40 -24.10 22.36 36.92
CA VAL B 40 -23.44 22.86 35.72
C VAL B 40 -24.49 23.07 34.65
N TYR B 41 -24.34 24.15 33.89
CA TYR B 41 -25.26 24.52 32.85
C TYR B 41 -24.48 24.69 31.55
N LEU B 42 -25.02 24.15 30.46
CA LEU B 42 -24.43 24.32 29.15
C LEU B 42 -25.55 24.53 28.16
N GLY B 43 -25.27 25.33 27.14
CA GLY B 43 -26.28 25.52 26.11
C GLY B 43 -26.20 24.52 24.97
N LYS B 44 -25.35 23.50 25.09
CA LYS B 44 -25.12 22.53 24.03
C LYS B 44 -24.53 21.27 24.64
N ARG B 45 -24.77 20.15 23.97
CA ARG B 45 -24.06 18.90 24.20
C ARG B 45 -22.91 18.68 23.22
N ASP B 46 -23.06 19.18 21.99
CA ASP B 46 -22.10 18.93 20.93
C ASP B 46 -21.44 20.25 20.57
N PHE B 47 -20.12 20.28 20.61
CA PHE B 47 -19.38 21.49 20.26
C PHE B 47 -18.67 21.25 18.94
N VAL B 48 -19.00 22.08 17.96
CA VAL B 48 -18.61 21.84 16.58
C VAL B 48 -17.19 22.35 16.37
N ASP B 49 -16.39 21.51 15.76
CA ASP B 49 -15.05 21.85 15.32
C ASP B 49 -15.12 22.37 13.88
N HIS B 50 -14.56 23.56 13.63
CA HIS B 50 -14.58 24.16 12.30
C HIS B 50 -13.20 24.13 11.64
N ILE B 51 -12.35 23.19 12.08
CA ILE B 51 -10.98 23.02 11.63
C ILE B 51 -10.10 24.10 12.26
N ASP B 52 -10.38 25.37 11.97
CA ASP B 52 -9.51 26.41 12.49
C ASP B 52 -9.84 26.75 13.94
N LEU B 53 -11.10 26.58 14.36
CA LEU B 53 -11.46 26.87 15.73
C LEU B 53 -12.61 25.96 16.14
N VAL B 54 -12.75 25.77 17.44
CA VAL B 54 -13.81 24.94 18.00
C VAL B 54 -14.77 25.85 18.74
N ASP B 55 -16.06 25.58 18.60
CA ASP B 55 -17.07 26.23 19.43
C ASP B 55 -16.56 26.34 20.86
N PRO B 56 -16.64 27.50 21.48
CA PRO B 56 -16.24 27.62 22.89
C PRO B 56 -17.21 26.86 23.77
N VAL B 57 -16.68 26.33 24.86
CA VAL B 57 -17.48 25.62 25.87
C VAL B 57 -17.76 26.67 26.94
N ASP B 58 -18.88 27.38 26.79
CA ASP B 58 -19.25 28.44 27.71
C ASP B 58 -20.38 27.94 28.61
N GLY B 59 -20.12 27.85 29.90
CA GLY B 59 -21.17 27.50 30.81
C GLY B 59 -21.15 28.29 32.10
N VAL B 60 -21.99 27.86 33.04
CA VAL B 60 -22.11 28.45 34.36
C VAL B 60 -22.22 27.31 35.37
N VAL B 61 -21.62 27.50 36.54
CA VAL B 61 -21.77 26.56 37.64
C VAL B 61 -22.41 27.30 38.81
N LEU B 62 -23.50 26.74 39.34
CA LEU B 62 -24.22 27.36 40.44
C LEU B 62 -23.85 26.68 41.76
N VAL B 63 -23.65 27.49 42.79
CA VAL B 63 -22.93 27.09 43.98
C VAL B 63 -23.75 27.45 45.21
N ASP B 64 -23.50 26.72 46.31
CA ASP B 64 -24.01 27.06 47.63
C ASP B 64 -22.86 27.62 48.46
N PRO B 65 -22.83 28.93 48.76
CA PRO B 65 -21.66 29.53 49.45
C PRO B 65 -21.33 28.87 50.79
N GLU B 66 -22.17 27.92 51.19
CA GLU B 66 -22.09 27.38 52.54
C GLU B 66 -20.82 26.51 52.74
N TYR B 67 -20.40 25.72 51.74
CA TYR B 67 -19.31 24.76 51.96
C TYR B 67 -18.07 25.08 51.18
N LEU B 68 -17.93 26.31 50.77
CA LEU B 68 -16.70 26.74 50.17
C LEU B 68 -15.74 27.27 51.21
N LYS B 69 -16.13 27.22 52.49
CA LYS B 69 -15.22 27.24 53.63
C LYS B 69 -13.99 28.09 53.31
N GLU B 70 -12.84 27.44 53.23
CA GLU B 70 -11.72 27.95 52.46
C GLU B 70 -11.74 27.46 51.01
N ARG B 71 -12.67 26.57 50.68
CA ARG B 71 -12.67 25.85 49.41
C ARG B 71 -12.99 26.75 48.21
N ARG B 72 -12.38 26.44 47.09
CA ARG B 72 -12.75 27.03 45.81
C ARG B 72 -13.48 26.01 44.95
N VAL B 73 -14.18 26.50 43.95
CA VAL B 73 -14.92 25.65 43.03
C VAL B 73 -14.19 25.69 41.68
N TYR B 74 -13.58 24.57 41.30
CA TYR B 74 -12.92 24.46 40.01
C TYR B 74 -13.84 23.79 38.98
N VAL B 75 -13.56 24.05 37.70
CA VAL B 75 -14.18 23.31 36.60
C VAL B 75 -13.08 22.86 35.64
N THR B 76 -13.05 21.56 35.33
CA THR B 76 -11.97 20.93 34.56
C THR B 76 -12.53 20.28 33.29
N LEU B 77 -11.80 20.48 32.19
CA LEU B 77 -12.09 19.86 30.91
C LEU B 77 -10.95 18.91 30.55
N THR B 78 -11.27 17.64 30.38
CA THR B 78 -10.28 16.60 30.09
C THR B 78 -10.60 15.98 28.74
N VAL B 79 -9.60 15.87 27.86
CA VAL B 79 -9.73 15.10 26.63
C VAL B 79 -8.87 13.86 26.80
N ALA B 80 -9.48 12.70 26.74
CA ALA B 80 -8.71 11.50 27.07
C ALA B 80 -8.98 10.40 26.05
N PHE B 81 -7.92 9.69 25.69
CA PHE B 81 -8.04 8.42 24.99
C PHE B 81 -8.08 7.33 26.04
N ARG B 82 -9.02 6.40 25.90
CA ARG B 82 -9.17 5.34 26.90
C ARG B 82 -9.20 4.00 26.20
N TYR B 83 -8.69 2.98 26.87
CA TYR B 83 -8.73 1.63 26.32
C TYR B 83 -9.01 0.70 27.47
N GLY B 84 -9.88 -0.28 27.25
CA GLY B 84 -10.30 -1.19 28.29
C GLY B 84 -11.80 -1.37 28.34
N ARG B 85 -12.27 -2.08 29.35
CA ARG B 85 -13.70 -2.25 29.53
C ARG B 85 -14.30 -0.89 29.88
N GLU B 86 -15.40 -0.55 29.21
CA GLU B 86 -15.92 0.82 29.31
C GLU B 86 -16.36 1.14 30.73
N ASP B 87 -16.99 0.19 31.42
CA ASP B 87 -17.54 0.43 32.75
C ASP B 87 -16.48 0.64 33.82
N LEU B 88 -15.22 0.41 33.52
CA LEU B 88 -14.18 0.36 34.54
C LEU B 88 -13.19 1.51 34.37
N ASP B 89 -12.92 2.21 35.46
CA ASP B 89 -11.90 3.26 35.54
C ASP B 89 -10.78 2.78 36.46
N VAL B 90 -10.41 1.51 36.32
CA VAL B 90 -9.54 0.82 37.28
C VAL B 90 -8.09 0.93 36.83
N LEU B 91 -7.21 1.24 37.76
CA LEU B 91 -5.78 1.24 37.45
C LEU B 91 -5.26 -0.15 37.07
N GLY B 92 -6.07 -1.20 37.19
CA GLY B 92 -5.57 -2.53 36.90
C GLY B 92 -5.26 -2.75 35.44
N LEU B 93 -6.30 -2.86 34.61
CA LEU B 93 -6.15 -3.05 33.16
C LEU B 93 -7.11 -2.13 32.40
N THR B 94 -7.13 -0.85 32.79
CA THR B 94 -7.79 0.20 32.03
C THR B 94 -6.76 1.29 31.75
N PHE B 95 -6.54 1.57 30.47
CA PHE B 95 -5.57 2.55 30.03
C PHE B 95 -6.28 3.86 29.71
N ARG B 96 -5.59 4.95 30.00
CA ARG B 96 -6.09 6.30 29.80
C ARG B 96 -4.92 7.22 29.50
N LYS B 97 -5.05 8.06 28.48
CA LYS B 97 -4.06 9.09 28.24
C LYS B 97 -4.77 10.42 28.06
N ASP B 98 -4.43 11.39 28.91
CA ASP B 98 -4.96 12.74 28.74
C ASP B 98 -4.30 13.38 27.54
N LEU B 99 -5.11 13.89 26.61
CA LEU B 99 -4.66 14.50 25.37
C LEU B 99 -4.62 16.02 25.48
N PHE B 100 -5.38 16.56 26.43
CA PHE B 100 -5.52 17.97 26.69
C PHE B 100 -6.28 18.14 27.99
N VAL B 101 -5.75 18.94 28.91
CA VAL B 101 -6.43 19.24 30.17
C VAL B 101 -6.48 20.74 30.34
N ALA B 102 -7.62 21.25 30.82
CA ALA B 102 -7.81 22.68 31.08
C ALA B 102 -8.49 22.85 32.44
N ASN B 103 -7.90 23.65 33.31
CA ASN B 103 -8.47 23.92 34.63
C ASN B 103 -8.85 25.40 34.73
N VAL B 104 -10.06 25.67 35.21
CA VAL B 104 -10.42 27.03 35.57
C VAL B 104 -10.97 27.03 36.99
N GLN B 105 -10.83 28.17 37.65
CA GLN B 105 -11.30 28.32 39.02
C GLN B 105 -12.45 29.31 39.02
N SER B 106 -13.62 28.87 39.46
CA SER B 106 -14.76 29.73 39.76
C SER B 106 -14.95 29.81 41.28
N PHE B 107 -16.06 30.45 41.69
CA PHE B 107 -16.49 30.91 43.03
C PHE B 107 -15.57 31.94 43.66
N PRO B 108 -14.25 31.75 43.74
CA PRO B 108 -13.36 32.90 43.70
C PRO B 108 -13.00 33.23 42.27
N PRO B 109 -13.86 33.92 41.52
CA PRO B 109 -13.50 34.29 40.16
C PRO B 109 -12.41 35.35 40.20
N ALA B 110 -11.35 35.11 39.45
CA ALA B 110 -10.42 36.19 39.16
C ALA B 110 -10.82 36.73 37.80
N PRO B 111 -11.62 37.80 37.72
CA PRO B 111 -11.95 38.37 36.38
C PRO B 111 -10.71 38.71 35.59
N GLU B 112 -9.54 38.74 36.27
CA GLU B 112 -8.23 38.64 35.64
C GLU B 112 -8.23 37.66 34.47
N ASP B 113 -8.80 36.47 34.69
CA ASP B 113 -8.56 35.32 33.83
C ASP B 113 -9.81 34.83 33.11
N LYS B 114 -10.83 35.67 32.94
CA LYS B 114 -11.96 35.31 32.06
C LYS B 114 -12.23 36.45 31.09
N LYS B 115 -12.34 36.08 29.80
CA LYS B 115 -12.68 36.88 28.63
C LYS B 115 -14.11 37.39 28.78
N PRO B 116 -14.65 38.17 27.83
CA PRO B 116 -16.04 38.59 27.97
C PRO B 116 -16.95 37.38 28.11
N LEU B 117 -17.97 37.54 28.94
CA LEU B 117 -19.01 36.53 29.01
C LEU B 117 -19.74 36.46 27.68
N THR B 118 -20.56 35.43 27.52
CA THR B 118 -21.34 35.21 26.31
C THR B 118 -22.80 35.54 26.62
N ARG B 119 -23.59 35.74 25.56
CA ARG B 119 -25.00 36.01 25.77
C ARG B 119 -25.58 35.01 26.75
N LEU B 120 -25.50 33.72 26.39
CA LEU B 120 -26.02 32.66 27.24
C LEU B 120 -25.45 32.74 28.65
N GLN B 121 -24.13 32.93 28.75
CA GLN B 121 -23.48 33.00 30.06
C GLN B 121 -24.07 34.12 30.90
N GLU B 122 -24.24 35.30 30.30
CA GLU B 122 -24.81 36.44 31.03
C GLU B 122 -26.22 36.12 31.51
N ARG B 123 -27.08 35.67 30.59
CA ARG B 123 -28.48 35.44 30.94
C ARG B 123 -28.63 34.34 31.99
N LEU B 124 -27.77 33.33 31.94
CA LEU B 124 -27.90 32.27 32.94
C LEU B 124 -27.58 32.77 34.34
N ILE B 125 -26.65 33.71 34.47
CA ILE B 125 -26.38 34.34 35.77
C ILE B 125 -27.53 35.29 36.14
N LYS B 126 -28.14 35.93 35.13
CA LYS B 126 -29.35 36.70 35.40
C LYS B 126 -30.42 35.84 36.07
N LYS B 127 -30.77 34.70 35.45
CA LYS B 127 -31.81 33.87 36.05
C LYS B 127 -31.35 33.19 37.32
N LEU B 128 -30.17 32.59 37.31
CA LEU B 128 -29.80 31.72 38.42
C LEU B 128 -29.47 32.50 39.68
N GLY B 129 -29.02 33.74 39.54
CA GLY B 129 -28.84 34.57 40.71
C GLY B 129 -27.46 35.15 40.87
N GLU B 130 -26.86 34.93 42.04
CA GLU B 130 -25.59 35.51 42.38
C GLU B 130 -24.58 34.47 42.78
N HIS B 131 -24.98 33.21 42.90
CA HIS B 131 -24.06 32.12 43.12
C HIS B 131 -23.88 31.29 41.85
N ALA B 132 -24.30 31.82 40.71
CA ALA B 132 -23.97 31.29 39.39
C ALA B 132 -22.68 31.98 38.92
N TYR B 133 -21.61 31.20 38.78
CA TYR B 133 -20.37 31.78 38.29
C TYR B 133 -20.01 31.17 36.93
N PRO B 134 -19.42 31.94 36.03
CA PRO B 134 -19.16 31.44 34.67
C PRO B 134 -17.96 30.50 34.62
N PHE B 135 -17.85 29.79 33.50
CA PHE B 135 -16.61 29.11 33.12
C PHE B 135 -16.58 28.98 31.61
N THR B 136 -15.38 29.09 31.03
CA THR B 136 -15.20 28.97 29.59
C THR B 136 -13.93 28.18 29.30
N PHE B 137 -14.04 27.24 28.36
CA PHE B 137 -12.88 26.56 27.80
C PHE B 137 -12.83 26.83 26.32
N GLU B 138 -11.63 27.07 25.81
CA GLU B 138 -11.39 27.14 24.38
C GLU B 138 -10.69 25.84 23.99
N ILE B 139 -11.39 24.98 23.24
CA ILE B 139 -10.75 23.73 22.84
C ILE B 139 -9.79 24.02 21.69
N PRO B 140 -8.52 23.61 21.79
CA PRO B 140 -7.59 23.89 20.71
C PRO B 140 -7.93 23.06 19.48
N PRO B 141 -7.61 23.57 18.29
CA PRO B 141 -7.82 22.78 17.08
C PRO B 141 -6.88 21.58 17.03
N ASN B 142 -7.14 20.69 16.07
CA ASN B 142 -6.34 19.49 15.78
C ASN B 142 -6.44 18.42 16.86
N LEU B 143 -7.38 18.50 17.71
CA LEU B 143 -7.57 17.39 18.63
C LEU B 143 -8.51 16.36 18.00
N PRO B 144 -8.41 15.10 18.41
CA PRO B 144 -9.41 14.11 17.95
C PRO B 144 -10.81 14.47 18.45
N SER B 145 -11.79 14.31 17.56
CA SER B 145 -13.20 14.45 17.91
C SER B 145 -13.66 13.24 18.70
N SER B 146 -14.84 13.37 19.31
CA SER B 146 -15.40 12.24 20.06
C SER B 146 -15.54 11.02 19.16
N VAL B 147 -15.15 9.86 19.66
CA VAL B 147 -15.25 8.62 18.91
C VAL B 147 -15.20 7.48 19.92
N THR B 148 -15.94 6.41 19.63
CA THR B 148 -15.82 5.14 20.35
C THR B 148 -15.84 3.99 19.34
N LEU B 149 -15.26 2.87 19.74
CA LEU B 149 -15.17 1.68 18.91
C LEU B 149 -15.13 0.49 19.86
N GLN B 150 -16.05 -0.46 19.68
CA GLN B 150 -16.33 -1.50 20.66
C GLN B 150 -16.34 -2.86 19.97
N PRO B 151 -15.16 -3.48 19.75
CA PRO B 151 -15.10 -4.62 18.82
C PRO B 151 -15.94 -5.82 19.28
N GLY B 152 -17.26 -5.64 19.36
CA GLY B 152 -18.18 -6.69 19.76
C GLY B 152 -18.36 -6.76 21.27
N PRO B 153 -18.75 -7.93 21.79
CA PRO B 153 -18.55 -8.24 23.20
C PRO B 153 -17.26 -9.02 23.46
N GLU B 154 -16.55 -9.39 22.40
CA GLU B 154 -15.25 -10.04 22.49
C GLU B 154 -14.55 -10.00 21.13
N ASP B 155 -13.34 -9.43 21.10
CA ASP B 155 -12.50 -9.43 19.89
C ASP B 155 -11.07 -9.09 20.28
N THR B 156 -10.31 -8.52 19.32
CA THR B 156 -8.91 -8.13 19.50
C THR B 156 -8.63 -7.59 20.90
N GLY B 157 -9.32 -6.51 21.29
CA GLY B 157 -9.27 -5.97 22.63
C GLY B 157 -10.62 -5.81 23.31
N LYS B 158 -10.95 -4.55 23.57
CA LYS B 158 -12.21 -4.14 24.18
C LYS B 158 -12.46 -2.68 23.76
N ALA B 159 -13.36 -2.00 24.47
CA ALA B 159 -13.77 -0.66 24.07
C ALA B 159 -12.58 0.31 24.10
N LEU B 160 -12.58 1.23 23.16
CA LEU B 160 -11.61 2.30 23.16
C LEU B 160 -12.29 3.54 22.60
N GLY B 161 -11.76 4.71 22.98
CA GLY B 161 -12.44 5.93 22.63
C GLY B 161 -11.64 7.15 22.99
N VAL B 162 -12.12 8.28 22.44
CA VAL B 162 -11.78 9.61 22.88
C VAL B 162 -13.06 10.24 23.44
N ASP B 163 -12.96 10.87 24.60
CA ASP B 163 -14.12 11.53 25.22
C ASP B 163 -13.75 12.90 25.75
N TYR B 164 -14.77 13.75 25.83
CA TYR B 164 -14.71 15.11 26.31
C TYR B 164 -15.53 15.18 27.60
N GLU B 165 -14.89 15.56 28.70
CA GLU B 165 -15.50 15.51 30.01
C GLU B 165 -15.35 16.87 30.70
N VAL B 166 -16.47 17.48 31.03
CA VAL B 166 -16.52 18.65 31.90
C VAL B 166 -16.78 18.19 33.33
N LYS B 167 -15.86 18.51 34.23
CA LYS B 167 -15.99 18.17 35.64
C LYS B 167 -15.95 19.44 36.48
N ALA B 168 -17.03 19.71 37.22
CA ALA B 168 -17.05 20.75 38.25
C ALA B 168 -16.96 20.09 39.63
N PHE B 169 -16.05 20.59 40.47
CA PHE B 169 -15.85 20.06 41.82
C PHE B 169 -15.46 21.19 42.77
N VAL B 170 -15.51 20.87 44.07
CA VAL B 170 -15.17 21.80 45.14
C VAL B 170 -13.94 21.25 45.86
N ALA B 171 -12.93 22.10 46.05
CA ALA B 171 -11.68 21.66 46.65
C ALA B 171 -10.92 22.84 47.23
N GLU B 172 -9.95 22.54 48.08
CA GLU B 172 -9.01 23.56 48.53
C GLU B 172 -7.92 23.78 47.49
N ASN B 173 -7.52 22.70 46.81
CA ASN B 173 -6.31 22.67 46.00
C ASN B 173 -6.64 21.86 44.74
N LEU B 174 -5.70 21.84 43.79
CA LEU B 174 -5.90 21.13 42.53
C LEU B 174 -5.44 19.68 42.54
N GLU B 175 -4.64 19.28 43.52
CA GLU B 175 -4.31 17.87 43.74
C GLU B 175 -5.17 17.24 44.84
N GLU B 176 -5.80 18.06 45.68
CA GLU B 176 -6.66 17.58 46.75
C GLU B 176 -7.86 16.87 46.16
N LYS B 177 -7.86 15.53 46.20
CA LYS B 177 -8.89 14.78 45.50
C LYS B 177 -10.22 14.88 46.24
N ILE B 178 -11.28 14.61 45.50
CA ILE B 178 -12.63 15.01 45.90
C ILE B 178 -13.44 13.76 46.23
N HIS B 179 -14.59 13.99 46.85
CA HIS B 179 -15.63 12.98 46.99
C HIS B 179 -16.71 13.33 45.97
N LYS B 180 -17.06 12.38 45.10
CA LYS B 180 -17.90 12.82 44.00
C LYS B 180 -19.31 13.22 44.43
N ARG B 181 -19.63 13.15 45.72
CA ARG B 181 -20.88 13.81 46.14
C ARG B 181 -20.75 15.32 45.97
N ASN B 182 -19.51 15.84 46.02
CA ASN B 182 -19.19 17.25 45.83
C ASN B 182 -18.72 17.56 44.41
N SER B 183 -19.13 16.75 43.42
CA SER B 183 -18.61 16.80 42.06
C SER B 183 -19.74 16.53 41.10
N VAL B 184 -19.53 16.91 39.84
CA VAL B 184 -20.51 16.66 38.78
C VAL B 184 -19.76 16.52 37.46
N ARG B 185 -20.10 15.46 36.70
CA ARG B 185 -19.37 15.11 35.49
C ARG B 185 -20.34 15.08 34.31
N LEU B 186 -19.96 15.73 33.23
CA LEU B 186 -20.73 15.70 32.00
C LEU B 186 -19.81 15.22 30.88
N VAL B 187 -20.36 14.51 29.92
CA VAL B 187 -19.56 14.10 28.77
C VAL B 187 -20.16 14.81 27.57
N ILE B 188 -19.47 15.86 27.14
CA ILE B 188 -19.81 16.58 25.93
C ILE B 188 -19.17 15.83 24.76
N ARG B 189 -19.51 16.21 23.54
CA ARG B 189 -18.81 15.74 22.35
C ARG B 189 -18.19 16.91 21.62
N LYS B 190 -17.04 16.68 21.01
CA LYS B 190 -16.56 17.54 19.94
C LYS B 190 -16.81 16.78 18.64
N VAL B 191 -17.64 17.34 17.78
CA VAL B 191 -17.93 16.79 16.46
C VAL B 191 -17.28 17.67 15.40
N GLN B 192 -16.77 17.03 14.33
CA GLN B 192 -15.98 17.69 13.29
C GLN B 192 -16.82 18.08 12.08
N TYR B 193 -16.83 19.36 11.76
CA TYR B 193 -17.45 19.89 10.55
C TYR B 193 -16.37 20.26 9.55
N ALA B 194 -16.76 20.29 8.29
CA ALA B 194 -15.95 20.87 7.23
C ALA B 194 -16.89 21.22 6.10
N PRO B 195 -16.77 22.41 5.53
CA PRO B 195 -17.68 22.80 4.46
C PRO B 195 -17.21 22.32 3.11
N GLU B 196 -18.17 22.13 2.21
CA GLU B 196 -17.87 21.72 0.84
C GLU B 196 -17.02 22.76 0.10
N ARG B 197 -16.14 22.27 -0.74
CA ARG B 197 -15.17 23.05 -1.50
C ARG B 197 -15.43 22.93 -3.00
N PRO B 198 -15.22 24.01 -3.77
CA PRO B 198 -15.42 23.94 -5.22
C PRO B 198 -14.36 23.13 -5.96
N GLY B 199 -14.78 22.47 -7.05
CA GLY B 199 -13.88 21.77 -7.96
C GLY B 199 -13.94 20.24 -7.90
N PRO B 200 -14.39 19.61 -8.98
CA PRO B 200 -14.63 18.15 -8.96
C PRO B 200 -13.36 17.35 -8.70
N GLN B 201 -13.55 16.07 -8.35
CA GLN B 201 -12.44 15.30 -7.79
C GLN B 201 -12.08 14.13 -8.69
N PRO B 202 -10.80 13.74 -8.72
CA PRO B 202 -10.33 12.82 -9.76
C PRO B 202 -10.96 11.44 -9.63
N THR B 203 -11.16 10.81 -10.78
CA THR B 203 -11.59 9.44 -10.79
C THR B 203 -10.41 8.54 -10.51
N ALA B 204 -10.69 7.38 -9.95
CA ALA B 204 -9.70 6.33 -9.79
C ALA B 204 -9.90 5.31 -10.90
N GLU B 205 -8.82 4.71 -11.37
CA GLU B 205 -8.89 3.96 -12.62
C GLU B 205 -8.00 2.72 -12.54
N THR B 206 -8.39 1.65 -13.23
CA THR B 206 -7.52 0.48 -13.34
C THR B 206 -7.71 -0.23 -14.69
N THR B 207 -6.61 -0.53 -15.39
CA THR B 207 -6.65 -1.35 -16.59
C THR B 207 -6.16 -2.75 -16.28
N ARG B 208 -6.85 -3.75 -16.79
CA ARG B 208 -6.48 -5.11 -16.44
C ARG B 208 -6.62 -6.02 -17.65
N GLN B 209 -5.65 -6.91 -17.84
CA GLN B 209 -5.74 -7.97 -18.83
C GLN B 209 -6.15 -9.29 -18.17
N PHE B 210 -7.11 -10.01 -18.79
CA PHE B 210 -7.45 -11.38 -18.38
C PHE B 210 -7.32 -12.36 -19.54
N LEU B 211 -6.20 -13.08 -19.60
CA LEU B 211 -5.99 -14.07 -20.65
C LEU B 211 -6.44 -13.42 -21.93
N MET B 212 -6.13 -12.14 -22.05
CA MET B 212 -6.78 -11.30 -23.04
C MET B 212 -5.72 -10.63 -23.88
N SER B 213 -6.04 -10.48 -25.15
CA SER B 213 -5.09 -10.07 -26.16
C SER B 213 -4.72 -8.65 -25.88
N ASP B 214 -4.09 -8.02 -26.87
CA ASP B 214 -3.52 -6.69 -26.76
C ASP B 214 -4.21 -5.83 -25.70
N LYS B 215 -5.59 -6.03 -25.50
CA LYS B 215 -6.53 -5.05 -24.98
C LYS B 215 -7.14 -5.40 -23.61
N PRO B 216 -7.20 -4.45 -22.71
CA PRO B 216 -7.66 -4.73 -21.34
C PRO B 216 -9.16 -4.46 -21.09
N LEU B 217 -9.61 -4.92 -19.92
CA LEU B 217 -10.84 -4.43 -19.32
C LEU B 217 -10.49 -3.19 -18.50
N HIS B 218 -11.07 -2.07 -18.86
CA HIS B 218 -10.78 -0.79 -18.23
C HIS B 218 -11.94 -0.42 -17.29
N LEU B 219 -11.59 -0.04 -16.05
CA LEU B 219 -12.58 0.34 -15.04
C LEU B 219 -12.22 1.73 -14.54
N GLU B 220 -13.17 2.65 -14.65
CA GLU B 220 -13.06 4.01 -14.14
C GLU B 220 -14.29 4.28 -13.27
N ALA B 221 -14.08 4.96 -12.14
CA ALA B 221 -15.21 5.35 -11.30
C ALA B 221 -14.92 6.67 -10.58
N SER B 222 -15.97 7.43 -10.30
CA SER B 222 -15.77 8.69 -9.58
C SER B 222 -16.96 9.00 -8.67
N LEU B 223 -16.73 9.95 -7.78
CA LEU B 223 -17.71 10.36 -6.79
C LEU B 223 -18.17 11.78 -7.11
N ASP B 224 -19.38 12.13 -6.63
CA ASP B 224 -19.91 13.46 -6.94
C ASP B 224 -19.39 14.56 -6.03
N LYS B 225 -18.97 14.25 -4.80
CA LYS B 225 -18.41 15.26 -3.91
C LYS B 225 -17.20 14.69 -3.20
N GLU B 226 -16.36 15.59 -2.66
CA GLU B 226 -15.30 15.19 -1.76
C GLU B 226 -15.80 14.99 -0.34
N ILE B 227 -16.75 15.81 0.09
CA ILE B 227 -17.21 15.80 1.46
C ILE B 227 -18.65 15.40 1.49
N TYR B 228 -18.97 14.41 2.30
CA TYR B 228 -20.35 14.01 2.54
C TYR B 228 -20.66 14.24 4.00
N TYR B 229 -21.94 14.32 4.32
CA TYR B 229 -22.39 14.48 5.68
C TYR B 229 -23.22 13.27 6.09
N HIS B 230 -23.31 13.03 7.39
CA HIS B 230 -24.09 11.91 7.89
C HIS B 230 -25.48 11.90 7.27
N GLY B 231 -25.91 10.74 6.81
CA GLY B 231 -27.23 10.58 6.22
C GLY B 231 -27.32 10.90 4.74
N GLU B 232 -26.35 11.57 4.18
CA GLU B 232 -26.45 12.03 2.80
C GLU B 232 -26.00 10.93 1.81
N PRO B 233 -26.64 10.79 0.65
CA PRO B 233 -26.26 9.73 -0.29
C PRO B 233 -24.98 10.01 -1.05
N ILE B 234 -24.36 8.93 -1.50
CA ILE B 234 -23.13 8.96 -2.30
C ILE B 234 -23.45 8.34 -3.65
N SER B 235 -23.17 9.10 -4.71
CA SER B 235 -23.39 8.64 -6.07
C SER B 235 -22.05 8.24 -6.70
N VAL B 236 -21.97 7.00 -7.18
CA VAL B 236 -20.78 6.44 -7.77
C VAL B 236 -20.98 6.31 -9.27
N ASN B 237 -20.26 7.11 -10.02
CA ASN B 237 -20.30 7.10 -11.49
C ASN B 237 -19.29 6.07 -11.99
N VAL B 238 -19.78 4.93 -12.50
CA VAL B 238 -18.97 3.75 -12.86
C VAL B 238 -18.92 3.62 -14.39
N HIS B 239 -17.71 3.55 -14.95
CA HIS B 239 -17.55 3.44 -16.40
C HIS B 239 -16.59 2.29 -16.76
N VAL B 240 -17.07 1.36 -17.60
CA VAL B 240 -16.37 0.13 -17.92
C VAL B 240 -16.23 0.03 -19.45
N THR B 241 -14.99 0.04 -19.93
CA THR B 241 -14.68 -0.22 -21.34
C THR B 241 -14.09 -1.63 -21.39
N ASN B 242 -14.89 -2.62 -21.77
CA ASN B 242 -14.46 -4.03 -21.79
C ASN B 242 -13.91 -4.40 -23.16
N ASN B 243 -12.60 -4.36 -23.34
CA ASN B 243 -12.01 -4.77 -24.62
C ASN B 243 -11.57 -6.23 -24.59
N THR B 244 -12.30 -7.11 -23.89
CA THR B 244 -11.88 -8.49 -23.68
C THR B 244 -12.99 -9.47 -24.06
N ASN B 245 -12.60 -10.73 -24.23
CA ASN B 245 -13.57 -11.78 -24.46
C ASN B 245 -14.45 -12.06 -23.26
N LYS B 246 -14.05 -11.63 -22.06
CA LYS B 246 -14.81 -12.02 -20.89
C LYS B 246 -16.03 -11.12 -20.71
N THR B 247 -16.98 -11.63 -19.93
CA THR B 247 -18.20 -10.90 -19.58
C THR B 247 -18.19 -10.57 -18.09
N VAL B 248 -18.41 -9.30 -17.78
CA VAL B 248 -18.64 -8.92 -16.38
C VAL B 248 -20.06 -9.33 -16.00
N LYS B 249 -20.20 -10.14 -14.95
CA LYS B 249 -21.53 -10.60 -14.56
C LYS B 249 -22.07 -9.98 -13.28
N LYS B 250 -21.32 -9.12 -12.60
CA LYS B 250 -21.83 -8.43 -11.41
C LYS B 250 -21.02 -7.16 -11.21
N ILE B 251 -21.61 -6.19 -10.51
CA ILE B 251 -20.90 -5.00 -10.02
C ILE B 251 -21.23 -4.80 -8.54
N LYS B 252 -20.22 -4.78 -7.68
CA LYS B 252 -20.39 -4.59 -6.25
C LYS B 252 -19.86 -3.21 -5.85
N ILE B 253 -20.73 -2.39 -5.28
CA ILE B 253 -20.38 -1.05 -4.84
C ILE B 253 -20.53 -1.00 -3.33
N SER B 254 -19.43 -0.74 -2.62
CA SER B 254 -19.49 -0.71 -1.17
C SER B 254 -18.77 0.51 -0.60
N VAL B 255 -19.17 0.87 0.61
CA VAL B 255 -18.50 1.89 1.41
C VAL B 255 -17.84 1.20 2.60
N ARG B 256 -16.54 1.42 2.78
CA ARG B 256 -15.78 0.81 3.86
C ARG B 256 -15.24 1.87 4.81
N GLN B 257 -15.41 1.64 6.11
CA GLN B 257 -14.74 2.42 7.15
C GLN B 257 -13.42 1.75 7.47
N TYR B 258 -12.36 2.53 7.52
CA TYR B 258 -11.06 2.08 7.99
C TYR B 258 -10.80 2.72 9.34
N ALA B 259 -10.46 1.90 10.35
CA ALA B 259 -10.14 2.42 11.68
C ALA B 259 -8.76 1.95 12.14
N ASP B 260 -7.78 2.86 12.15
CA ASP B 260 -6.43 2.54 12.63
C ASP B 260 -6.27 3.03 14.06
N ILE B 261 -6.07 2.08 14.98
CA ILE B 261 -5.76 2.38 16.38
C ILE B 261 -4.27 2.62 16.49
N VAL B 262 -3.88 3.75 17.07
CA VAL B 262 -2.46 4.07 17.07
C VAL B 262 -1.97 4.44 18.47
N LEU B 263 -2.77 4.13 19.48
CA LEU B 263 -2.37 4.24 20.87
C LEU B 263 -2.72 2.94 21.55
N PHE B 264 -1.80 2.50 22.41
CA PHE B 264 -1.92 1.44 23.40
C PHE B 264 -2.07 0.03 22.83
N ASN B 265 -2.73 -0.08 21.68
CA ASN B 265 -2.88 -1.38 21.03
C ASN B 265 -3.05 -1.11 19.53
N THR B 266 -1.92 -1.06 18.84
CA THR B 266 -1.89 -0.78 17.42
C THR B 266 -2.63 -1.86 16.65
N ALA B 267 -3.71 -1.46 15.98
CA ALA B 267 -4.52 -2.38 15.20
C ALA B 267 -5.14 -1.64 14.03
N GLN B 268 -5.59 -2.39 13.04
CA GLN B 268 -6.31 -1.86 11.89
C GLN B 268 -7.62 -2.61 11.69
N TYR B 269 -8.69 -1.88 11.41
CA TYR B 269 -10.00 -2.48 11.21
C TYR B 269 -10.55 -2.07 9.86
N LYS B 270 -11.34 -2.96 9.27
CA LYS B 270 -12.03 -2.71 8.00
C LYS B 270 -13.47 -3.17 8.14
N VAL B 271 -14.42 -2.28 7.92
CA VAL B 271 -15.82 -2.65 8.08
C VAL B 271 -16.66 -2.05 6.96
N PRO B 272 -17.40 -2.86 6.20
CA PRO B 272 -18.38 -2.29 5.26
C PRO B 272 -19.49 -1.59 6.02
N VAL B 273 -19.94 -0.45 5.50
CA VAL B 273 -21.04 0.26 6.14
C VAL B 273 -22.11 0.59 5.10
N ALA B 274 -21.94 0.08 3.89
CA ALA B 274 -22.99 0.10 2.88
C ALA B 274 -22.55 -0.83 1.76
N MET B 275 -23.50 -1.53 1.17
CA MET B 275 -23.19 -2.51 0.13
C MET B 275 -24.32 -2.53 -0.89
N GLU B 276 -23.98 -2.59 -2.17
CA GLU B 276 -24.95 -2.83 -3.22
C GLU B 276 -24.33 -3.76 -4.26
N GLU B 277 -24.91 -4.94 -4.42
CA GLU B 277 -24.52 -5.90 -5.44
C GLU B 277 -25.49 -5.80 -6.61
N ALA B 278 -25.03 -5.29 -7.75
CA ALA B 278 -25.88 -5.07 -8.91
C ALA B 278 -25.59 -6.12 -9.97
N ASP B 279 -26.64 -6.80 -10.43
CA ASP B 279 -26.49 -7.79 -11.49
C ASP B 279 -26.55 -7.11 -12.85
N ASP B 280 -25.71 -6.11 -13.03
CA ASP B 280 -25.53 -5.43 -14.30
C ASP B 280 -24.32 -6.02 -14.98
N THR B 281 -24.42 -6.30 -16.28
CA THR B 281 -23.40 -7.06 -16.98
C THR B 281 -22.75 -6.23 -18.08
N VAL B 282 -21.47 -6.47 -18.34
CA VAL B 282 -20.75 -5.73 -19.37
C VAL B 282 -20.27 -6.71 -20.42
N ALA B 283 -20.87 -6.62 -21.61
CA ALA B 283 -20.62 -7.54 -22.68
C ALA B 283 -19.18 -7.44 -23.18
N PRO B 284 -18.66 -8.49 -23.79
CA PRO B 284 -17.39 -8.38 -24.50
C PRO B 284 -17.41 -7.23 -25.51
N SER B 285 -16.28 -6.54 -25.62
CA SER B 285 -16.10 -5.43 -26.56
C SER B 285 -17.21 -4.38 -26.45
N SER B 286 -17.69 -4.14 -25.25
CA SER B 286 -18.72 -3.13 -25.05
C SER B 286 -18.28 -2.18 -23.95
N THR B 287 -18.84 -0.98 -24.00
CA THR B 287 -18.67 0.06 -22.99
C THR B 287 -19.95 0.18 -22.15
N PHE B 288 -19.79 0.48 -20.87
CA PHE B 288 -20.88 0.52 -19.90
C PHE B 288 -20.73 1.74 -18.99
N SER B 289 -21.84 2.39 -18.67
CA SER B 289 -21.90 3.50 -17.72
C SER B 289 -23.15 3.36 -16.86
N LYS B 290 -23.02 3.69 -15.58
CA LYS B 290 -24.16 3.76 -14.70
C LYS B 290 -23.78 4.53 -13.45
N VAL B 291 -24.77 5.15 -12.80
CA VAL B 291 -24.56 5.84 -11.55
C VAL B 291 -25.23 5.03 -10.45
N TYR B 292 -24.45 4.58 -9.47
CA TYR B 292 -25.01 3.88 -8.33
C TYR B 292 -25.05 4.83 -7.13
N THR B 293 -26.06 4.67 -6.30
CA THR B 293 -26.24 5.58 -5.19
C THR B 293 -26.44 4.77 -3.93
N LEU B 294 -25.63 5.06 -2.90
CA LEU B 294 -25.79 4.39 -1.61
C LEU B 294 -25.48 5.36 -0.49
N THR B 295 -26.05 5.09 0.68
CA THR B 295 -25.90 5.93 1.87
C THR B 295 -25.34 5.07 2.98
N PRO B 296 -24.15 5.36 3.50
CA PRO B 296 -23.66 4.64 4.68
C PRO B 296 -24.50 5.01 5.89
N PHE B 297 -25.02 4.01 6.59
CA PHE B 297 -25.86 4.27 7.75
C PHE B 297 -25.44 3.43 8.94
N LEU B 298 -25.29 4.08 10.10
CA LEU B 298 -25.21 3.33 11.35
C LEU B 298 -26.51 2.57 11.59
N ALA B 299 -27.65 3.19 11.28
CA ALA B 299 -28.93 2.51 11.42
C ALA B 299 -28.89 1.14 10.76
N ASN B 300 -28.11 0.98 9.68
CA ASN B 300 -28.03 -0.25 8.90
C ASN B 300 -26.92 -1.20 9.37
N ASN B 301 -26.25 -0.93 10.51
CA ASN B 301 -25.07 -1.70 10.90
C ASN B 301 -25.19 -2.15 12.36
N ARG B 302 -25.91 -3.27 12.57
CA ARG B 302 -26.14 -3.74 13.93
C ARG B 302 -24.85 -4.30 14.53
N GLU B 303 -24.16 -5.15 13.77
CA GLU B 303 -22.94 -5.78 14.24
C GLU B 303 -21.83 -4.74 14.30
N LYS B 304 -21.31 -4.51 15.50
CA LYS B 304 -20.57 -3.32 15.84
C LYS B 304 -19.06 -3.52 15.89
N ARG B 305 -18.56 -4.69 15.49
CA ARG B 305 -17.18 -5.03 15.76
C ARG B 305 -16.23 -4.21 14.90
N GLY B 306 -15.25 -3.58 15.54
CA GLY B 306 -14.28 -2.80 14.81
C GLY B 306 -14.83 -1.57 14.15
N LEU B 307 -16.00 -1.09 14.61
CA LEU B 307 -16.75 0.00 13.97
C LEU B 307 -16.64 1.27 14.80
N ALA B 308 -16.01 2.30 14.23
CA ALA B 308 -15.82 3.56 14.93
C ALA B 308 -17.10 4.39 14.83
N LEU B 309 -17.57 4.87 15.97
CA LEU B 309 -18.78 5.66 16.07
C LEU B 309 -18.42 6.96 16.76
N ASP B 310 -19.26 7.98 16.60
CA ASP B 310 -18.99 9.26 17.25
C ASP B 310 -19.67 9.39 18.61
N GLY B 311 -20.01 8.27 19.23
CA GLY B 311 -20.84 8.29 20.41
C GLY B 311 -21.26 6.88 20.79
N LYS B 312 -22.07 6.82 21.84
CA LYS B 312 -22.47 5.54 22.40
C LYS B 312 -23.53 4.93 21.50
N LEU B 313 -23.32 3.66 21.12
CA LEU B 313 -24.19 2.93 20.19
C LEU B 313 -25.65 3.04 20.60
N LYS B 314 -25.88 3.49 21.84
CA LYS B 314 -27.22 3.58 22.40
C LYS B 314 -27.92 4.88 22.01
N HIS B 315 -27.27 6.03 22.24
CA HIS B 315 -27.96 7.30 22.05
C HIS B 315 -28.36 7.50 20.60
N GLU B 316 -29.46 8.22 20.42
CA GLU B 316 -30.02 8.38 19.09
C GLU B 316 -29.18 9.29 18.22
N ASP B 317 -28.40 10.19 18.81
CA ASP B 317 -27.64 11.17 18.05
C ASP B 317 -26.23 10.68 17.72
N THR B 318 -25.98 9.39 17.88
CA THR B 318 -24.73 8.79 17.44
C THR B 318 -24.79 8.50 15.94
N ASN B 319 -23.65 8.69 15.27
CA ASN B 319 -23.49 8.39 13.86
C ASN B 319 -22.21 7.58 13.67
N LEU B 320 -21.93 7.22 12.43
CA LEU B 320 -20.59 6.75 12.10
C LEU B 320 -19.60 7.82 12.49
N ALA B 321 -18.42 7.40 12.93
CA ALA B 321 -17.34 8.33 13.21
C ALA B 321 -17.02 9.18 11.97
N SER B 322 -16.68 10.45 12.21
CA SER B 322 -16.26 11.36 11.15
C SER B 322 -14.84 11.05 10.72
N SER B 323 -14.48 11.45 9.51
CA SER B 323 -13.11 11.22 9.07
C SER B 323 -12.16 12.08 9.91
N THR B 324 -11.11 11.44 10.42
CA THR B 324 -9.94 12.14 10.92
C THR B 324 -9.40 13.10 9.87
N LEU B 325 -9.38 14.40 10.19
CA LEU B 325 -8.68 15.36 9.36
C LEU B 325 -7.23 15.39 9.78
N LEU B 326 -6.33 15.15 8.83
CA LEU B 326 -4.90 15.05 9.13
C LEU B 326 -4.14 16.18 8.46
N ARG B 327 -3.45 16.99 9.26
CA ARG B 327 -2.58 18.04 8.76
C ARG B 327 -1.26 17.48 8.25
N GLU B 328 -0.56 18.32 7.48
CA GLU B 328 0.76 17.97 6.98
C GLU B 328 1.71 17.76 8.14
N GLY B 329 2.32 16.58 8.20
CA GLY B 329 3.32 16.28 9.22
C GLY B 329 2.86 16.42 10.65
N ALA B 330 1.59 16.16 10.93
CA ALA B 330 1.13 16.19 12.30
C ALA B 330 1.41 14.85 12.99
N ASN B 331 1.26 14.83 14.30
CA ASN B 331 1.55 13.65 15.11
C ASN B 331 0.32 12.75 15.09
N ARG B 332 0.33 11.72 14.24
CA ARG B 332 -0.83 10.84 14.13
C ARG B 332 -1.10 10.13 15.44
N GLU B 333 -0.05 9.82 16.19
CA GLU B 333 -0.17 8.99 17.38
C GLU B 333 -1.09 9.61 18.41
N ILE B 334 -0.99 10.92 18.63
CA ILE B 334 -1.72 11.51 19.75
C ILE B 334 -3.21 11.63 19.40
N LEU B 335 -3.59 11.23 18.18
CA LEU B 335 -5.01 11.22 17.81
C LEU B 335 -5.72 9.97 18.29
N GLY B 336 -4.98 8.93 18.66
CA GLY B 336 -5.60 7.70 19.18
C GLY B 336 -6.23 6.77 18.15
N ILE B 337 -7.07 7.31 17.26
CA ILE B 337 -7.80 6.62 16.20
C ILE B 337 -7.72 7.43 14.93
N ILE B 338 -7.33 6.79 13.84
CA ILE B 338 -7.43 7.39 12.52
C ILE B 338 -8.57 6.69 11.79
N VAL B 339 -9.63 7.44 11.50
CA VAL B 339 -10.82 6.93 10.83
C VAL B 339 -10.82 7.45 9.40
N SER B 340 -11.14 6.58 8.43
CA SER B 340 -11.33 7.04 7.06
C SER B 340 -12.29 6.14 6.32
N TYR B 341 -12.72 6.59 5.15
CA TYR B 341 -13.75 5.94 4.35
C TYR B 341 -13.37 5.91 2.88
N LYS B 342 -13.70 4.79 2.22
CA LYS B 342 -13.57 4.71 0.77
C LYS B 342 -14.77 3.98 0.17
N VAL B 343 -15.06 4.27 -1.10
CA VAL B 343 -15.99 3.49 -1.90
C VAL B 343 -15.17 2.49 -2.70
N LYS B 344 -15.55 1.23 -2.66
CA LYS B 344 -14.97 0.23 -3.54
C LYS B 344 -15.95 -0.11 -4.66
N VAL B 345 -15.48 -0.12 -5.89
CA VAL B 345 -16.20 -0.65 -7.03
C VAL B 345 -15.44 -1.89 -7.49
N LYS B 346 -16.03 -3.06 -7.28
CA LYS B 346 -15.45 -4.32 -7.73
C LYS B 346 -16.25 -4.86 -8.89
N LEU B 347 -15.57 -5.34 -9.95
CA LEU B 347 -16.22 -6.03 -11.05
C LEU B 347 -15.97 -7.52 -10.94
N VAL B 348 -17.03 -8.32 -11.00
CA VAL B 348 -16.96 -9.78 -10.96
C VAL B 348 -17.05 -10.30 -12.38
N VAL B 349 -16.08 -11.10 -12.79
CA VAL B 349 -15.95 -11.49 -14.19
C VAL B 349 -16.24 -12.98 -14.37
N SER B 350 -17.00 -13.29 -15.42
CA SER B 350 -17.06 -14.65 -15.95
C SER B 350 -15.66 -15.17 -16.26
N ARG B 351 -15.41 -16.42 -15.91
CA ARG B 351 -14.09 -17.00 -16.14
C ARG B 351 -13.91 -17.51 -17.56
N ALA B 359 -12.57 -17.44 -7.57
CA ALA B 359 -11.82 -16.21 -7.86
C ALA B 359 -12.22 -15.61 -9.21
N SER B 360 -13.51 -15.28 -9.37
CA SER B 360 -13.96 -14.49 -10.51
C SER B 360 -13.39 -13.08 -10.36
N SER B 361 -12.47 -12.73 -11.28
CA SER B 361 -11.28 -11.97 -10.92
C SER B 361 -11.57 -10.62 -10.28
N ASP B 362 -10.51 -10.07 -9.67
CA ASP B 362 -10.58 -8.94 -8.74
C ASP B 362 -10.13 -7.66 -9.45
N VAL B 363 -11.06 -7.09 -10.24
CA VAL B 363 -10.88 -5.81 -10.93
C VAL B 363 -11.62 -4.76 -10.13
N ALA B 364 -10.87 -3.88 -9.45
CA ALA B 364 -11.47 -3.06 -8.41
C ALA B 364 -10.82 -1.68 -8.40
N VAL B 365 -11.51 -0.75 -7.76
CA VAL B 365 -11.04 0.63 -7.65
C VAL B 365 -11.56 1.18 -6.32
N GLU B 366 -10.78 2.01 -5.65
CA GLU B 366 -11.17 2.54 -4.36
C GLU B 366 -11.14 4.05 -4.37
N LEU B 367 -12.21 4.65 -3.86
CA LEU B 367 -12.43 6.09 -3.98
C LEU B 367 -12.51 6.70 -2.60
N PRO B 368 -11.49 7.43 -2.17
CA PRO B 368 -11.52 8.00 -0.83
C PRO B 368 -12.56 9.11 -0.77
N PHE B 369 -13.18 9.27 0.39
CA PHE B 369 -14.05 10.42 0.59
C PHE B 369 -14.03 10.79 2.07
N THR B 370 -14.49 12.00 2.36
CA THR B 370 -14.45 12.59 3.69
C THR B 370 -15.86 12.65 4.23
N LEU B 371 -16.05 12.12 5.44
CA LEU B 371 -17.36 12.05 6.07
C LEU B 371 -17.36 12.96 7.29
N MET B 372 -18.29 13.90 7.31
CA MET B 372 -18.32 15.01 8.26
C MET B 372 -19.66 15.05 8.98
N HIS B 373 -19.66 15.70 10.15
CA HIS B 373 -20.89 16.07 10.81
C HIS B 373 -21.64 17.14 10.01
N PRO B 374 -22.98 17.14 10.02
CA PRO B 374 -23.74 18.13 9.24
C PRO B 374 -23.47 19.56 9.68
N LYS B 375 -23.68 20.48 8.75
CA LYS B 375 -23.62 21.90 9.06
C LYS B 375 -24.59 22.24 10.19
N PRO B 376 -24.14 22.93 11.24
CA PRO B 376 -25.05 23.39 12.30
C PRO B 376 -25.98 24.51 11.82
N LYS B 377 -26.93 24.95 12.65
CA LYS B 377 -27.96 25.92 12.26
C LYS B 377 -27.40 27.26 11.79
N GLU B 378 -27.56 27.58 10.50
CA GLU B 378 -26.94 28.75 9.89
C GLU B 378 -27.78 29.16 8.68
N GLU B 379 -27.20 30.02 7.83
CA GLU B 379 -27.85 30.52 6.63
C GLU B 379 -28.14 29.41 5.62
N ASP B 403 -40.98 36.84 28.80
CA ASP B 403 -39.72 37.56 28.75
C ASP B 403 -38.59 36.71 28.19
N ASP B 404 -37.68 36.27 29.07
CA ASP B 404 -36.51 35.50 28.66
C ASP B 404 -36.88 34.02 28.65
N ASP B 405 -37.15 33.50 27.45
CA ASP B 405 -37.49 32.09 27.29
C ASP B 405 -36.26 31.24 27.55
N ILE B 406 -36.26 30.50 28.66
CA ILE B 406 -35.14 29.63 29.00
C ILE B 406 -35.69 28.31 29.53
N VAL B 407 -35.80 27.31 28.65
CA VAL B 407 -36.37 26.03 29.02
C VAL B 407 -35.25 25.04 29.30
N PHE B 408 -35.22 24.51 30.52
CA PHE B 408 -34.13 23.67 30.98
C PHE B 408 -34.44 22.20 30.74
N GLU B 409 -33.40 21.38 30.81
CA GLU B 409 -33.56 19.94 30.76
C GLU B 409 -32.30 19.26 31.24
N ASP B 410 -32.48 18.04 31.77
CA ASP B 410 -31.37 17.25 32.26
C ASP B 410 -30.39 16.94 31.13
N PHE B 411 -29.11 16.91 31.47
CA PHE B 411 -28.08 16.81 30.43
C PHE B 411 -27.99 15.40 29.86
N ALA B 412 -28.03 14.38 30.72
CA ALA B 412 -27.73 13.02 30.29
C ALA B 412 -28.58 12.62 29.08
N ARG B 413 -27.92 12.12 28.04
CA ARG B 413 -28.59 11.86 26.77
C ARG B 413 -29.63 10.75 26.90
N GLN B 414 -30.67 10.83 26.08
CA GLN B 414 -31.80 9.90 26.14
C GLN B 414 -31.68 8.75 25.13
#